data_6UP9
#
_entry.id   6UP9
#
_cell.length_a   65.653
_cell.length_b   84.937
_cell.length_c   240.205
_cell.angle_alpha   90.000
_cell.angle_beta   90.000
_cell.angle_gamma   90.000
#
_symmetry.space_group_name_H-M   'P 21 21 21'
#
loop_
_entity.id
_entity.type
_entity.pdbx_description
1 polymer 'Fumarate hydratase 2'
2 non-polymer 'MALONIC ACID'
3 non-polymer 'IRON/SULFUR CLUSTER'
4 non-polymer GLYCEROL
5 water water
#
_entity_poly.entity_id   1
_entity_poly.type   'polypeptide(L)'
_entity_poly.pdbx_seq_one_letter_code
;MGSSHHHHHHSSGLVPRGSHMASMTGGQQMGRGSEFMSLCDQCEIGCRRVGIKDIEDASAVNADFHFSAIFQPTDPHHHQ
TEFAKVEGSEKYVEEVEVFGRQALKVNPEALTILAHRAFSDVHHFFRKDHLEGWRRAIEDPEASDNDRYVATTLLKNACI
AAGRVLPSCQDTGTAIVLGKRGELCWTGGEDEKYLSKGIWNAYRYHNLRYSQTAALDMFKECNTGDNLPAQLDLLAVPGS
DYEFLFIAKGGGSANKAYLYQETKALLNPKSLRAFIEEKLKTLGTAACPPYHIALVIGGTSAEMTMKTVKLASCRYYDSL
PTTGDKYGRAFRDPEWEKIVMEVAQKSGIGAQFGGKYFAHQARVIRLPRHGASCPVGLAVSCSADRQILAHINKSGIYIE
QLEQNPAQYLPDIPEVHLSTTSVKVDLKRPIDKVRQQLSQYPVGTRVMLNGTLIVARDIAHAKIKEMMDNGEPLPEYMKT
SPIYYAGPAKTPEGYASGSFGPATAGRMDSYVDLFQSHGGSYITLAKGNRSKQVTDACKKHGGFYLGSIGGPAAILAKDS
IKQVTCLAFPELGMEAVWKIEVEDFPAFIVVDDKGNDMYSKTLA
;
_entity_poly.pdbx_strand_id   A,B
#
# COMPACT_ATOMS: atom_id res chain seq x y z
N ASP A 64 -31.65 -0.91 15.09
CA ASP A 64 -30.48 -1.77 15.29
C ASP A 64 -29.23 -1.22 14.58
N PHE A 65 -29.40 -0.18 13.79
CA PHE A 65 -28.26 0.44 13.13
C PHE A 65 -27.49 1.30 14.12
N HIS A 66 -26.17 1.14 14.14
CA HIS A 66 -25.31 1.99 14.96
C HIS A 66 -24.09 2.38 14.14
N PHE A 67 -23.92 3.68 13.91
CA PHE A 67 -22.74 4.14 13.18
C PHE A 67 -21.54 4.19 14.11
N SER A 68 -20.42 3.65 13.64
CA SER A 68 -19.17 3.65 14.41
C SER A 68 -18.05 4.03 13.47
N ALA A 69 -17.51 5.24 13.64
CA ALA A 69 -16.35 5.64 12.88
C ALA A 69 -15.17 4.73 13.20
N ILE A 70 -14.40 4.36 12.18
CA ILE A 70 -13.26 3.48 12.42
C ILE A 70 -12.26 4.14 13.38
N PHE A 71 -11.99 5.42 13.16
CA PHE A 71 -11.02 6.17 13.95
C PHE A 71 -11.75 7.10 14.90
N GLN A 72 -11.55 6.89 16.20
CA GLN A 72 -12.20 7.69 17.24
C GLN A 72 -11.15 8.25 18.21
N PRO A 73 -10.30 9.17 17.74
CA PRO A 73 -9.32 9.78 18.64
C PRO A 73 -10.00 10.53 19.78
N THR A 74 -9.40 10.46 20.97
CA THR A 74 -9.91 11.27 22.08
C THR A 74 -9.47 12.72 21.98
N ASP A 75 -8.49 13.01 21.13
CA ASP A 75 -7.97 14.37 20.93
C ASP A 75 -7.99 14.69 19.44
N PRO A 76 -9.17 14.75 18.83
CA PRO A 76 -9.24 14.86 17.36
C PRO A 76 -8.66 16.14 16.80
N HIS A 77 -8.66 17.23 17.56
CA HIS A 77 -8.08 18.48 17.11
C HIS A 77 -6.67 18.69 17.66
N HIS A 78 -6.11 17.68 18.31
CA HIS A 78 -4.70 17.68 18.73
C HIS A 78 -4.41 18.79 19.73
N HIS A 79 -5.28 18.90 20.75
CA HIS A 79 -5.06 19.88 21.82
C HIS A 79 -3.78 19.63 22.59
N GLN A 80 -3.30 18.37 22.63
CA GLN A 80 -2.06 18.05 23.32
C GLN A 80 -0.83 18.63 22.64
N THR A 81 -0.96 19.14 21.41
CA THR A 81 0.16 19.71 20.67
C THR A 81 0.18 21.21 20.89
N GLU A 82 1.38 21.78 21.02
CA GLU A 82 1.52 23.22 21.18
C GLU A 82 1.54 23.91 19.81
N PHE A 83 0.76 24.97 19.68
CA PHE A 83 0.64 25.71 18.43
C PHE A 83 1.03 27.17 18.63
N ALA A 84 1.56 27.77 17.57
CA ALA A 84 1.82 29.21 17.53
C ALA A 84 0.93 29.84 16.47
N LYS A 85 0.44 31.04 16.77
CA LYS A 85 -0.37 31.76 15.80
C LYS A 85 0.52 32.56 14.87
N VAL A 86 0.20 32.51 13.58
CA VAL A 86 0.86 33.39 12.62
C VAL A 86 0.35 34.80 12.88
N GLU A 87 1.27 35.72 13.22
CA GLU A 87 0.88 37.06 13.63
C GLU A 87 0.04 37.74 12.56
N GLY A 88 -1.07 38.34 12.99
CA GLY A 88 -1.96 39.07 12.11
C GLY A 88 -2.76 38.22 11.14
N SER A 89 -2.73 36.89 11.27
CA SER A 89 -3.39 36.04 10.28
C SER A 89 -4.91 36.01 10.42
N GLU A 90 -5.48 36.61 11.46
CA GLU A 90 -6.94 36.68 11.50
C GLU A 90 -7.49 37.54 10.37
N LYS A 91 -6.64 38.30 9.66
CA LYS A 91 -7.09 39.07 8.52
C LYS A 91 -7.45 38.21 7.32
N TYR A 92 -7.04 36.94 7.31
CA TYR A 92 -7.32 36.05 6.18
C TYR A 92 -8.64 35.32 6.29
N VAL A 93 -9.38 35.50 7.38
CA VAL A 93 -10.62 34.75 7.61
C VAL A 93 -11.73 35.71 8.01
N GLU A 94 -12.96 35.27 7.78
CA GLU A 94 -14.15 36.03 8.12
C GLU A 94 -15.28 35.06 8.44
N GLU A 95 -15.91 35.27 9.60
CA GLU A 95 -17.04 34.44 10.02
C GLU A 95 -18.33 34.99 9.42
N VAL A 96 -19.12 34.11 8.80
CA VAL A 96 -20.40 34.48 8.21
C VAL A 96 -21.43 33.43 8.62
N GLU A 97 -22.68 33.70 8.28
CA GLU A 97 -23.78 32.78 8.54
C GLU A 97 -24.67 32.70 7.31
N VAL A 98 -24.87 31.49 6.79
CA VAL A 98 -25.79 31.23 5.69
C VAL A 98 -26.71 30.10 6.12
N PHE A 99 -28.01 30.25 5.83
CA PHE A 99 -29.02 29.23 6.14
C PHE A 99 -28.93 28.79 7.60
N GLY A 100 -28.69 29.75 8.49
CA GLY A 100 -28.66 29.48 9.90
C GLY A 100 -27.42 28.79 10.41
N ARG A 101 -26.42 28.57 9.56
CA ARG A 101 -25.24 27.81 9.94
C ARG A 101 -24.00 28.68 9.84
N GLN A 102 -23.07 28.47 10.77
CA GLN A 102 -21.83 29.24 10.81
C GLN A 102 -20.84 28.72 9.78
N ALA A 103 -20.24 29.64 9.03
CA ALA A 103 -19.28 29.30 7.99
C ALA A 103 -18.09 30.23 8.13
N LEU A 104 -16.98 29.82 7.54
CA LEU A 104 -15.74 30.58 7.61
C LEU A 104 -15.23 30.79 6.18
N LYS A 105 -15.16 32.05 5.77
CA LYS A 105 -14.51 32.38 4.51
C LYS A 105 -13.00 32.48 4.72
N VAL A 106 -12.24 31.76 3.91
CA VAL A 106 -10.79 31.73 4.05
C VAL A 106 -10.18 32.22 2.74
N ASN A 107 -9.48 33.35 2.81
CA ASN A 107 -8.65 33.81 1.72
C ASN A 107 -7.66 32.70 1.37
N PRO A 108 -7.67 32.18 0.18
CA PRO A 108 -6.82 31.01 -0.15
C PRO A 108 -5.30 31.48 -0.04
N GLU A 109 -4.92 32.64 -0.01
N GLU A 109 -4.76 32.73 -0.03
CA GLU A 109 -3.60 33.02 0.28
CA GLU A 109 -3.43 33.03 0.32
C GLU A 109 -3.10 32.56 1.65
C GLU A 109 -3.04 32.53 1.69
N ALA A 110 -4.02 32.29 2.55
CA ALA A 110 -3.66 31.68 3.82
C ALA A 110 -3.06 30.29 3.62
N LEU A 111 -3.57 29.53 2.65
CA LEU A 111 -3.01 28.21 2.39
C LEU A 111 -1.57 28.31 1.89
N THR A 112 -1.27 29.32 1.07
CA THR A 112 0.09 29.53 0.60
C THR A 112 1.01 29.88 1.77
N ILE A 113 0.60 30.84 2.59
CA ILE A 113 1.41 31.27 3.73
C ILE A 113 1.67 30.10 4.66
N LEU A 114 0.63 29.33 4.97
CA LEU A 114 0.79 28.21 5.89
C LEU A 114 1.73 27.16 5.32
N ALA A 115 1.52 26.76 4.07
CA ALA A 115 2.36 25.73 3.47
C ALA A 115 3.81 26.19 3.37
N HIS A 116 4.03 27.46 3.06
N HIS A 116 4.04 27.47 3.06
CA HIS A 116 5.39 27.99 2.98
CA HIS A 116 5.40 27.97 2.98
C HIS A 116 6.11 27.87 4.32
C HIS A 116 6.11 27.84 4.33
N ARG A 117 5.45 28.30 5.40
CA ARG A 117 6.10 28.24 6.71
C ARG A 117 6.28 26.80 7.18
N ALA A 118 5.28 25.95 6.95
CA ALA A 118 5.37 24.57 7.40
C ALA A 118 6.55 23.86 6.74
N PHE A 119 6.69 23.99 5.42
CA PHE A 119 7.77 23.31 4.72
C PHE A 119 9.09 24.07 4.78
N SER A 120 9.13 25.18 5.51
CA SER A 120 10.39 25.81 5.91
C SER A 120 10.82 25.35 7.30
N ASP A 121 9.95 25.53 8.30
CA ASP A 121 10.29 25.22 9.68
C ASP A 121 10.66 23.75 9.86
N VAL A 122 9.95 22.86 9.17
CA VAL A 122 10.10 21.44 9.44
C VAL A 122 11.49 20.93 9.09
N HIS A 123 12.25 21.68 8.30
CA HIS A 123 13.61 21.28 7.94
C HIS A 123 14.67 21.77 8.91
N HIS A 124 14.29 22.47 9.97
CA HIS A 124 15.28 23.00 10.89
C HIS A 124 15.02 22.66 12.35
N PHE A 125 13.88 22.07 12.68
CA PHE A 125 13.54 21.79 14.07
C PHE A 125 12.82 20.44 14.13
N PHE A 126 12.81 19.87 15.33
CA PHE A 126 12.24 18.56 15.57
C PHE A 126 11.27 18.62 16.74
N ARG A 127 10.46 17.56 16.84
CA ARG A 127 9.56 17.41 17.98
C ARG A 127 10.32 16.93 19.21
N LYS A 128 9.74 17.18 20.38
CA LYS A 128 10.37 16.77 21.62
C LYS A 128 10.54 15.25 21.70
N ASP A 129 9.55 14.48 21.23
CA ASP A 129 9.63 13.03 21.40
C ASP A 129 10.73 12.43 20.52
N HIS A 130 11.04 13.06 19.40
CA HIS A 130 12.17 12.64 18.57
C HIS A 130 13.49 12.95 19.26
N LEU A 131 13.63 14.18 19.77
CA LEU A 131 14.87 14.59 20.43
C LEU A 131 15.11 13.78 21.70
N GLU A 132 14.05 13.51 22.48
CA GLU A 132 14.18 12.69 23.68
C GLU A 132 14.73 11.31 23.37
N GLY A 133 14.35 10.74 22.22
CA GLY A 133 14.90 9.46 21.82
C GLY A 133 16.40 9.49 21.61
N TRP A 134 16.91 10.57 21.01
CA TRP A 134 18.36 10.67 20.84
C TRP A 134 19.06 10.81 22.20
N ARG A 135 18.48 11.59 23.11
CA ARG A 135 19.07 11.71 24.44
C ARG A 135 19.05 10.38 25.18
N ARG A 136 17.94 9.65 25.06
CA ARG A 136 17.84 8.33 25.66
C ARG A 136 18.95 7.42 25.15
N ALA A 137 19.23 7.49 23.85
CA ALA A 137 20.31 6.68 23.29
C ALA A 137 21.68 7.11 23.81
N ILE A 138 21.83 8.36 24.22
CA ILE A 138 23.11 8.78 24.76
C ILE A 138 23.24 8.39 26.23
N GLU A 139 22.15 8.48 26.99
CA GLU A 139 22.21 8.34 28.44
C GLU A 139 21.91 6.93 28.95
N ASP A 140 21.32 6.08 28.13
CA ASP A 140 20.99 4.73 28.56
C ASP A 140 22.27 3.91 28.79
N PRO A 141 22.47 3.34 29.97
CA PRO A 141 23.64 2.45 30.16
C PRO A 141 23.63 1.27 29.21
N GLU A 142 22.45 0.85 28.74
CA GLU A 142 22.35 -0.29 27.84
C GLU A 142 22.57 0.09 26.38
N ALA A 143 22.71 1.38 26.08
CA ALA A 143 23.07 1.77 24.72
C ALA A 143 24.51 1.39 24.41
N SER A 144 24.75 0.97 23.18
CA SER A 144 26.12 0.64 22.78
C SER A 144 26.92 1.92 22.58
N ASP A 145 28.25 1.77 22.55
CA ASP A 145 29.10 2.91 22.22
C ASP A 145 28.70 3.50 20.87
N ASN A 146 28.41 2.65 19.90
CA ASN A 146 28.01 3.17 18.59
C ASN A 146 26.65 3.85 18.65
N ASP A 147 25.72 3.33 19.48
CA ASP A 147 24.45 4.01 19.69
C ASP A 147 24.68 5.46 20.14
N ARG A 148 25.51 5.64 21.17
CA ARG A 148 25.74 6.97 21.71
C ARG A 148 26.42 7.87 20.69
N TYR A 149 27.37 7.31 19.92
CA TYR A 149 28.08 8.10 18.92
C TYR A 149 27.14 8.58 17.82
N VAL A 150 26.28 7.69 17.32
CA VAL A 150 25.35 8.05 16.27
C VAL A 150 24.33 9.08 16.77
N ALA A 151 23.77 8.83 17.97
CA ALA A 151 22.78 9.75 18.52
C ALA A 151 23.38 11.13 18.80
N THR A 152 24.62 11.16 19.31
CA THR A 152 25.31 12.43 19.53
C THR A 152 25.49 13.19 18.21
N THR A 153 25.90 12.47 17.16
CA THR A 153 26.07 13.09 15.85
C THR A 153 24.76 13.68 15.35
N LEU A 154 23.67 12.92 15.46
CA LEU A 154 22.38 13.39 15.00
C LEU A 154 21.92 14.61 15.79
N LEU A 155 22.15 14.61 17.11
CA LEU A 155 21.76 15.77 17.91
C LEU A 155 22.59 17.00 17.55
N LYS A 156 23.89 16.82 17.31
CA LYS A 156 24.71 17.94 16.88
C LYS A 156 24.26 18.42 15.51
N ASN A 157 23.88 17.49 14.62
CA ASN A 157 23.33 17.88 13.34
C ASN A 157 22.07 18.73 13.52
N ALA A 158 21.21 18.33 14.45
CA ALA A 158 19.99 19.10 14.71
C ALA A 158 20.31 20.51 15.20
N CYS A 159 21.38 20.66 15.98
CA CYS A 159 21.80 21.99 16.44
C CYS A 159 22.24 22.86 15.27
N ILE A 160 22.96 22.29 14.31
CA ILE A 160 23.32 23.03 13.11
C ILE A 160 22.08 23.41 12.33
N ALA A 161 21.17 22.44 12.14
CA ALA A 161 19.96 22.73 11.37
C ALA A 161 19.12 23.82 12.03
N ALA A 162 19.15 23.89 13.36
CA ALA A 162 18.38 24.92 14.06
C ALA A 162 18.84 26.33 13.74
N GLY A 163 20.03 26.49 13.14
CA GLY A 163 20.48 27.79 12.68
C GLY A 163 19.71 28.34 11.48
N ARG A 164 18.80 27.55 10.91
CA ARG A 164 17.86 27.95 9.86
C ARG A 164 18.51 28.20 8.50
N VAL A 165 19.75 27.79 8.30
CA VAL A 165 20.38 27.93 6.99
C VAL A 165 20.45 26.59 6.27
N LEU A 166 21.00 25.57 6.91
CA LEU A 166 21.13 24.22 6.36
C LEU A 166 19.96 23.36 6.82
N PRO A 167 19.31 22.63 5.93
CA PRO A 167 18.27 21.68 6.36
C PRO A 167 18.91 20.47 7.04
N SER A 168 18.11 19.82 7.90
CA SER A 168 18.62 18.71 8.71
C SER A 168 19.08 17.53 7.86
N CYS A 169 18.46 17.32 6.69
CA CYS A 169 18.87 16.28 5.77
C CYS A 169 18.95 16.85 4.36
N GLN A 170 19.87 16.29 3.55
CA GLN A 170 19.94 16.70 2.15
C GLN A 170 18.70 16.27 1.38
N ASP A 171 18.07 15.17 1.78
CA ASP A 171 16.81 14.75 1.18
C ASP A 171 15.71 15.53 1.87
N THR A 172 15.38 16.70 1.33
CA THR A 172 14.31 17.51 1.91
C THR A 172 12.92 16.99 1.56
N GLY A 173 12.83 15.84 0.89
CA GLY A 173 11.65 15.01 0.92
C GLY A 173 10.60 15.36 -0.12
N THR A 174 9.57 14.50 -0.15
CA THR A 174 8.34 14.78 -0.87
C THR A 174 7.43 15.60 0.02
N ALA A 175 6.82 16.64 -0.55
CA ALA A 175 5.87 17.45 0.20
C ALA A 175 4.50 16.77 0.21
N ILE A 176 4.04 16.39 1.39
CA ILE A 176 2.76 15.73 1.57
C ILE A 176 1.88 16.63 2.43
N VAL A 177 0.64 16.84 1.99
CA VAL A 177 -0.35 17.58 2.75
C VAL A 177 -1.56 16.68 2.97
N LEU A 178 -1.88 16.41 4.23
CA LEU A 178 -3.18 15.90 4.61
C LEU A 178 -4.00 17.08 5.10
N GLY A 179 -5.08 17.40 4.40
CA GLY A 179 -5.93 18.52 4.76
C GLY A 179 -7.34 18.04 5.04
N LYS A 180 -7.99 18.68 6.00
CA LYS A 180 -9.37 18.34 6.36
C LYS A 180 -10.17 19.63 6.33
N ARG A 181 -10.89 19.85 5.24
CA ARG A 181 -11.67 21.07 5.03
C ARG A 181 -13.10 20.86 5.51
N GLY A 182 -13.53 21.68 6.47
CA GLY A 182 -14.89 21.59 6.94
C GLY A 182 -15.89 21.90 5.83
N GLU A 183 -17.06 21.28 5.94
CA GLU A 183 -18.15 21.48 4.99
C GLU A 183 -18.40 22.97 4.73
N LEU A 184 -18.27 23.79 5.77
CA LEU A 184 -18.59 25.21 5.68
C LEU A 184 -17.33 26.07 5.78
N CYS A 185 -16.18 25.52 5.43
CA CYS A 185 -14.95 26.27 5.26
C CYS A 185 -14.81 26.58 3.78
N TRP A 186 -14.94 27.85 3.41
CA TRP A 186 -15.00 28.25 2.00
C TRP A 186 -13.71 28.96 1.63
N THR A 187 -12.94 28.33 0.75
CA THR A 187 -11.64 28.82 0.33
C THR A 187 -11.65 29.42 -1.07
N GLY A 188 -12.74 29.29 -1.81
CA GLY A 188 -12.73 29.52 -3.24
C GLY A 188 -12.45 28.28 -4.05
N GLY A 189 -11.94 27.22 -3.42
CA GLY A 189 -11.85 25.90 -4.02
C GLY A 189 -10.55 25.57 -4.74
N GLU A 190 -9.63 26.52 -4.86
CA GLU A 190 -8.35 26.30 -5.54
C GLU A 190 -7.25 25.91 -4.57
N ASP A 191 -7.62 25.10 -3.57
CA ASP A 191 -6.71 24.75 -2.48
C ASP A 191 -5.41 24.14 -2.99
N GLU A 192 -5.50 23.23 -3.97
CA GLU A 192 -4.31 22.54 -4.44
C GLU A 192 -3.31 23.49 -5.06
N LYS A 193 -3.80 24.47 -5.83
CA LYS A 193 -2.91 25.46 -6.42
C LYS A 193 -2.23 26.31 -5.36
N TYR A 194 -3.01 26.83 -4.40
CA TYR A 194 -2.44 27.74 -3.41
C TYR A 194 -1.52 27.00 -2.45
N LEU A 195 -1.87 25.77 -2.06
CA LEU A 195 -0.96 24.96 -1.25
C LEU A 195 0.32 24.69 -2.01
N SER A 196 0.20 24.34 -3.29
CA SER A 196 1.38 24.05 -4.10
C SER A 196 2.28 25.28 -4.25
N LYS A 197 1.68 26.48 -4.32
CA LYS A 197 2.48 27.69 -4.40
C LYS A 197 3.30 27.90 -3.14
N GLY A 198 2.71 27.65 -1.96
CA GLY A 198 3.47 27.75 -0.73
C GLY A 198 4.59 26.72 -0.65
N ILE A 199 4.32 25.49 -1.11
CA ILE A 199 5.37 24.48 -1.16
C ILE A 199 6.46 24.92 -2.14
N TRP A 200 6.04 25.39 -3.31
CA TRP A 200 6.98 25.92 -4.29
C TRP A 200 7.86 27.02 -3.68
N ASN A 201 7.25 27.94 -2.92
CA ASN A 201 8.02 29.00 -2.25
C ASN A 201 9.05 28.42 -1.29
N ALA A 202 8.64 27.45 -0.45
CA ALA A 202 9.55 26.89 0.54
C ALA A 202 10.78 26.27 -0.11
N TYR A 203 10.60 25.51 -1.18
CA TYR A 203 11.73 24.82 -1.79
C TYR A 203 12.53 25.73 -2.70
N ARG A 204 11.91 26.76 -3.26
CA ARG A 204 12.64 27.64 -4.18
C ARG A 204 13.49 28.66 -3.43
N TYR A 205 12.96 29.23 -2.33
CA TYR A 205 13.59 30.36 -1.67
C TYR A 205 14.38 29.95 -0.42
N HIS A 206 14.58 28.66 -0.21
CA HIS A 206 15.37 28.16 0.90
C HIS A 206 16.37 27.15 0.34
N ASN A 207 17.35 26.78 1.17
CA ASN A 207 18.45 25.93 0.71
C ASN A 207 18.04 24.45 0.81
N LEU A 208 16.92 24.15 0.15
CA LEU A 208 16.39 22.79 0.15
C LEU A 208 16.84 22.09 -1.14
N ARG A 209 16.12 21.04 -1.54
CA ARG A 209 16.50 20.24 -2.69
C ARG A 209 15.28 19.93 -3.54
N TYR A 210 15.50 19.87 -4.84
CA TYR A 210 14.46 19.49 -5.80
C TYR A 210 14.61 18.00 -6.06
N SER A 211 13.71 17.21 -5.47
CA SER A 211 13.84 15.76 -5.43
C SER A 211 12.85 15.00 -6.30
N GLN A 212 11.94 15.68 -7.00
CA GLN A 212 10.88 14.99 -7.73
C GLN A 212 11.30 14.74 -9.17
N THR A 213 10.99 13.55 -9.66
CA THR A 213 11.40 13.07 -10.98
C THR A 213 10.16 12.83 -11.84
N ALA A 214 10.03 13.60 -12.91
CA ALA A 214 8.90 13.46 -13.82
C ALA A 214 9.19 12.42 -14.88
N ALA A 215 8.15 11.69 -15.28
CA ALA A 215 8.26 10.69 -16.35
C ALA A 215 7.74 11.30 -17.64
N LEU A 216 8.65 11.57 -18.58
CA LEU A 216 8.25 12.08 -19.90
C LEU A 216 7.61 10.97 -20.73
N ASP A 217 8.15 9.76 -20.65
CA ASP A 217 7.43 8.57 -21.07
C ASP A 217 7.73 7.53 -19.99
N MET A 218 7.48 6.25 -20.29
CA MET A 218 7.64 5.22 -19.28
C MET A 218 9.06 5.22 -18.70
N PHE A 219 10.06 5.52 -19.53
CA PHE A 219 11.44 5.41 -19.09
C PHE A 219 12.23 6.71 -19.16
N LYS A 220 11.81 7.68 -19.97
CA LYS A 220 12.52 8.95 -20.06
C LYS A 220 12.08 9.86 -18.92
N GLU A 221 13.05 10.34 -18.12
CA GLU A 221 12.76 11.08 -16.91
C GLU A 221 13.52 12.41 -16.89
N CYS A 222 12.99 13.36 -16.12
CA CYS A 222 13.70 14.60 -15.84
C CYS A 222 13.30 15.09 -14.45
N ASN A 223 14.20 15.82 -13.80
CA ASN A 223 13.84 16.45 -12.54
C ASN A 223 12.88 17.61 -12.80
N THR A 224 11.85 17.74 -11.97
CA THR A 224 10.90 18.83 -12.18
C THR A 224 11.50 20.19 -11.83
N GLY A 225 12.60 20.23 -11.09
CA GLY A 225 13.27 21.48 -10.78
C GLY A 225 12.63 22.36 -9.73
N ASP A 226 11.57 21.89 -9.05
CA ASP A 226 10.94 22.71 -8.03
C ASP A 226 10.36 21.91 -6.88
N ASN A 227 10.62 20.59 -6.82
CA ASN A 227 10.09 19.65 -5.82
C ASN A 227 8.58 19.48 -5.90
N LEU A 228 7.96 19.92 -6.97
CA LEU A 228 6.59 19.54 -7.26
C LEU A 228 6.57 18.38 -8.25
N PRO A 229 5.47 17.62 -8.35
CA PRO A 229 4.20 17.74 -7.62
C PRO A 229 4.24 17.27 -6.18
N ALA A 230 3.36 17.85 -5.38
CA ALA A 230 3.12 17.42 -4.01
C ALA A 230 2.04 16.34 -3.99
N GLN A 231 1.96 15.64 -2.86
CA GLN A 231 0.84 14.75 -2.58
C GLN A 231 -0.17 15.52 -1.74
N LEU A 232 -1.33 15.80 -2.31
CA LEU A 232 -2.32 16.66 -1.66
C LEU A 232 -3.58 15.84 -1.40
N ASP A 233 -3.76 15.39 -0.16
CA ASP A 233 -4.89 14.57 0.25
C ASP A 233 -5.84 15.48 1.05
N LEU A 234 -6.84 16.05 0.36
CA LEU A 234 -7.76 16.99 0.98
C LEU A 234 -9.10 16.29 1.22
N LEU A 235 -9.47 16.14 2.49
CA LEU A 235 -10.65 15.41 2.90
C LEU A 235 -11.78 16.38 3.23
N ALA A 236 -13.01 15.91 3.01
CA ALA A 236 -14.22 16.66 3.38
C ALA A 236 -14.71 16.18 4.74
N VAL A 237 -14.82 17.10 5.70
CA VAL A 237 -15.13 16.76 7.09
C VAL A 237 -16.18 17.73 7.64
N PRO A 238 -16.78 17.46 8.80
CA PRO A 238 -17.76 18.41 9.35
C PRO A 238 -17.11 19.71 9.79
N GLY A 239 -17.95 20.73 9.93
CA GLY A 239 -17.55 21.98 10.54
C GLY A 239 -17.15 23.05 9.54
N SER A 240 -16.44 24.05 10.05
CA SER A 240 -16.04 25.19 9.24
C SER A 240 -14.56 25.54 9.35
N ASP A 241 -13.73 24.66 9.91
CA ASP A 241 -12.31 24.90 10.02
C ASP A 241 -11.55 24.15 8.93
N TYR A 242 -10.23 24.33 8.91
CA TYR A 242 -9.34 23.65 7.97
C TYR A 242 -8.15 23.14 8.77
N GLU A 243 -8.03 21.82 8.88
CA GLU A 243 -6.98 21.20 9.68
C GLU A 243 -6.00 20.46 8.79
N PHE A 244 -4.74 20.42 9.21
CA PHE A 244 -3.65 19.95 8.34
C PHE A 244 -2.65 19.10 9.10
N LEU A 245 -2.06 18.14 8.38
CA LEU A 245 -0.78 17.55 8.74
C LEU A 245 0.13 17.67 7.54
N PHE A 246 1.24 18.39 7.70
CA PHE A 246 2.25 18.52 6.66
C PHE A 246 3.37 17.54 6.94
N ILE A 247 3.81 16.81 5.92
CA ILE A 247 4.91 15.86 6.04
C ILE A 247 5.92 16.14 4.94
N ALA A 248 7.20 16.29 5.33
CA ALA A 248 8.30 16.33 4.37
C ALA A 248 8.95 14.95 4.46
N LYS A 249 8.54 14.05 3.58
CA LYS A 249 8.84 12.64 3.70
C LYS A 249 10.05 12.29 2.85
N GLY A 250 11.11 11.83 3.50
CA GLY A 250 12.30 11.40 2.77
C GLY A 250 12.00 10.20 1.90
N GLY A 251 12.73 10.11 0.79
CA GLY A 251 12.56 8.98 -0.11
C GLY A 251 12.98 7.66 0.51
N GLY A 252 14.06 7.69 1.30
CA GLY A 252 14.58 6.45 1.88
C GLY A 252 13.63 5.84 2.90
N SER A 253 13.02 6.66 3.76
CA SER A 253 12.04 6.13 4.69
C SER A 253 10.72 5.84 3.99
N ALA A 254 10.38 6.60 2.95
CA ALA A 254 9.22 6.22 2.15
C ALA A 254 9.41 4.84 1.54
N ASN A 255 10.65 4.49 1.17
CA ASN A 255 10.90 3.18 0.58
C ASN A 255 10.75 2.05 1.60
N LYS A 256 10.81 2.37 2.89
CA LYS A 256 10.63 1.38 3.94
C LYS A 256 9.20 1.36 4.43
N ALA A 257 8.25 1.48 3.51
CA ALA A 257 6.84 1.27 3.78
C ALA A 257 6.44 0.00 3.04
N TYR A 258 6.12 -1.04 3.80
CA TYR A 258 5.91 -2.37 3.25
C TYR A 258 4.48 -2.82 3.49
N LEU A 259 3.92 -3.51 2.50
CA LEU A 259 2.59 -4.10 2.60
C LEU A 259 2.71 -5.61 2.53
N TYR A 260 2.12 -6.31 3.48
CA TYR A 260 2.05 -7.75 3.49
C TYR A 260 0.59 -8.19 3.42
N GLN A 261 0.32 -9.23 2.64
CA GLN A 261 -1.02 -9.79 2.55
C GLN A 261 -1.03 -11.09 3.35
N GLU A 262 -1.55 -11.02 4.57
CA GLU A 262 -1.47 -12.13 5.51
C GLU A 262 -2.86 -12.75 5.70
N THR A 263 -2.97 -13.66 6.66
CA THR A 263 -4.21 -14.41 6.88
C THR A 263 -4.47 -14.54 8.38
N LYS A 264 -5.63 -15.11 8.69
CA LYS A 264 -6.00 -15.43 10.06
C LYS A 264 -4.96 -16.29 10.77
N ALA A 265 -4.20 -17.08 10.00
CA ALA A 265 -3.16 -17.93 10.61
C ALA A 265 -2.06 -17.11 11.28
N LEU A 266 -1.94 -15.83 10.92
CA LEU A 266 -0.99 -14.93 11.58
C LEU A 266 -1.49 -14.51 12.97
N LEU A 267 -2.81 -14.53 13.18
CA LEU A 267 -3.42 -13.81 14.31
C LEU A 267 -3.44 -14.69 15.57
N ASN A 268 -2.24 -14.98 16.06
CA ASN A 268 -2.04 -15.58 17.36
C ASN A 268 -0.70 -15.07 17.90
N PRO A 269 -0.48 -15.12 19.22
CA PRO A 269 0.72 -14.50 19.79
C PRO A 269 2.03 -15.02 19.24
N LYS A 270 2.16 -16.34 19.10
CA LYS A 270 3.42 -16.92 18.61
C LYS A 270 3.70 -16.53 17.17
N SER A 271 2.68 -16.63 16.30
CA SER A 271 2.88 -16.30 14.89
C SER A 271 3.15 -14.81 14.69
N LEU A 272 2.40 -13.95 15.40
CA LEU A 272 2.62 -12.51 15.24
C LEU A 272 4.01 -12.10 15.73
N ARG A 273 4.45 -12.66 16.87
CA ARG A 273 5.77 -12.33 17.37
C ARG A 273 6.86 -12.74 16.39
N ALA A 274 6.78 -13.96 15.87
CA ALA A 274 7.77 -14.41 14.90
C ALA A 274 7.72 -13.55 13.63
N PHE A 275 6.53 -13.16 13.20
CA PHE A 275 6.37 -12.29 12.03
C PHE A 275 7.07 -10.95 12.26
N ILE A 276 6.87 -10.36 13.44
CA ILE A 276 7.49 -9.07 13.75
C ILE A 276 9.01 -9.20 13.75
N GLU A 277 9.52 -10.25 14.39
CA GLU A 277 10.97 -10.50 14.40
C GLU A 277 11.52 -10.59 12.97
N GLU A 278 10.82 -11.31 12.09
CA GLU A 278 11.28 -11.48 10.73
C GLU A 278 11.23 -10.17 9.96
N LYS A 279 10.15 -9.39 10.08
CA LYS A 279 9.99 -8.23 9.22
C LYS A 279 10.84 -7.03 9.67
N LEU A 280 11.06 -6.84 10.97
CA LEU A 280 11.82 -5.69 11.42
C LEU A 280 13.23 -5.71 10.83
N LYS A 281 13.82 -6.90 10.72
CA LYS A 281 15.15 -7.04 10.13
C LYS A 281 15.18 -6.55 8.68
N THR A 282 14.08 -6.71 7.94
CA THR A 282 14.07 -6.29 6.54
C THR A 282 14.04 -4.78 6.40
N LEU A 283 13.72 -4.04 7.45
CA LEU A 283 13.91 -2.60 7.41
C LEU A 283 15.38 -2.25 7.35
N GLY A 284 16.24 -3.05 7.97
CA GLY A 284 17.66 -2.81 8.05
C GLY A 284 17.96 -1.43 8.60
N THR A 285 19.12 -0.90 8.22
CA THR A 285 19.55 0.44 8.55
C THR A 285 19.44 1.41 7.37
N ALA A 286 18.73 1.01 6.32
CA ALA A 286 18.72 1.80 5.09
C ALA A 286 17.85 3.06 5.17
N ALA A 287 17.08 3.24 6.24
CA ALA A 287 16.31 4.46 6.43
C ALA A 287 16.77 5.23 7.68
N CYS A 288 18.06 5.15 8.01
CA CYS A 288 18.70 5.96 9.05
C CYS A 288 18.00 5.85 10.40
N PRO A 289 18.03 4.70 11.06
CA PRO A 289 17.49 4.60 12.42
C PRO A 289 18.32 5.43 13.38
N PRO A 290 17.87 5.61 14.64
CA PRO A 290 16.67 5.09 15.33
C PRO A 290 15.35 5.44 14.63
N TYR A 291 14.47 4.44 14.55
CA TYR A 291 13.19 4.56 13.87
C TYR A 291 12.05 4.85 14.85
N HIS A 292 11.06 5.60 14.39
CA HIS A 292 9.70 5.46 14.89
C HIS A 292 9.07 4.34 14.06
N ILE A 293 8.78 3.22 14.68
CA ILE A 293 8.25 2.05 13.97
C ILE A 293 6.74 2.03 14.11
N ALA A 294 6.04 1.91 12.98
CA ALA A 294 4.59 1.78 12.97
C ALA A 294 4.22 0.45 12.32
N LEU A 295 3.27 -0.24 12.96
CA LEU A 295 2.78 -1.53 12.49
C LEU A 295 1.25 -1.48 12.51
N VAL A 296 0.64 -1.80 11.38
CA VAL A 296 -0.82 -1.79 11.28
C VAL A 296 -1.27 -3.19 10.89
N ILE A 297 -2.13 -3.77 11.72
N ILE A 297 -2.15 -3.76 11.70
CA ILE A 297 -2.68 -5.11 11.53
CA ILE A 297 -2.64 -5.12 11.49
C ILE A 297 -4.13 -4.97 11.10
C ILE A 297 -4.12 -5.03 11.12
N GLY A 298 -4.44 -5.42 9.90
CA GLY A 298 -5.78 -5.31 9.37
C GLY A 298 -5.95 -4.08 8.50
N GLY A 299 -7.20 -3.81 8.15
CA GLY A 299 -7.54 -2.68 7.31
C GLY A 299 -8.59 -3.07 6.29
N THR A 300 -9.32 -2.06 5.79
CA THR A 300 -10.39 -2.28 4.83
C THR A 300 -9.88 -2.40 3.40
N SER A 301 -8.63 -2.05 3.16
CA SER A 301 -7.98 -2.21 1.86
C SER A 301 -6.50 -1.98 2.06
N ALA A 302 -5.70 -2.43 1.08
CA ALA A 302 -4.27 -2.21 1.12
C ALA A 302 -3.95 -0.73 1.26
N GLU A 303 -4.60 0.11 0.46
CA GLU A 303 -4.27 1.54 0.48
C GLU A 303 -4.66 2.17 1.80
N MET A 304 -5.75 1.69 2.41
CA MET A 304 -6.15 2.19 3.72
C MET A 304 -5.15 1.75 4.80
N THR A 305 -4.68 0.49 4.73
CA THR A 305 -3.66 0.03 5.65
C THR A 305 -2.38 0.87 5.54
N MET A 306 -1.94 1.17 4.32
CA MET A 306 -0.69 1.90 4.15
C MET A 306 -0.83 3.37 4.54
N LYS A 307 -1.99 3.98 4.27
CA LYS A 307 -2.21 5.35 4.76
C LYS A 307 -2.20 5.37 6.28
N THR A 308 -2.81 4.36 6.90
CA THR A 308 -2.84 4.29 8.36
C THR A 308 -1.44 4.12 8.94
N VAL A 309 -0.61 3.26 8.32
CA VAL A 309 0.71 3.05 8.90
C VAL A 309 1.57 4.30 8.73
N LYS A 310 1.39 5.03 7.63
CA LYS A 310 2.05 6.34 7.50
C LYS A 310 1.65 7.27 8.63
N LEU A 311 0.34 7.46 8.83
CA LEU A 311 -0.11 8.42 9.82
C LEU A 311 0.28 7.97 11.23
N ALA A 312 0.27 6.66 11.49
CA ALA A 312 0.73 6.14 12.78
C ALA A 312 2.18 6.50 13.02
N SER A 313 3.03 6.40 11.99
CA SER A 313 4.45 6.71 12.15
C SER A 313 4.68 8.19 12.46
N CYS A 314 3.75 9.05 12.05
CA CYS A 314 3.78 10.47 12.38
C CYS A 314 3.11 10.77 13.72
N ARG A 315 2.74 9.73 14.47
CA ARG A 315 2.07 9.86 15.77
C ARG A 315 0.75 10.63 15.66
N TYR A 316 0.15 10.57 14.48
CA TYR A 316 -1.13 11.23 14.23
C TYR A 316 -2.28 10.55 14.96
N TYR A 317 -2.15 9.25 15.21
CA TYR A 317 -3.22 8.46 15.82
C TYR A 317 -2.95 8.15 17.29
N ASP A 318 -2.13 8.96 17.97
CA ASP A 318 -1.71 8.61 19.32
C ASP A 318 -2.86 8.58 20.31
N SER A 319 -3.92 9.36 20.08
CA SER A 319 -5.01 9.45 21.05
C SER A 319 -6.18 8.49 20.75
N LEU A 320 -5.96 7.50 19.87
CA LEU A 320 -6.97 6.48 19.62
C LEU A 320 -7.27 5.69 20.90
N PRO A 321 -8.43 5.04 20.97
CA PRO A 321 -8.68 4.13 22.09
C PRO A 321 -7.67 2.98 22.08
N THR A 322 -7.59 2.27 23.20
CA THR A 322 -6.67 1.15 23.31
C THR A 322 -7.40 -0.19 23.40
N THR A 323 -8.71 -0.21 23.14
CA THR A 323 -9.46 -1.46 23.09
C THR A 323 -10.40 -1.43 21.89
N GLY A 324 -10.70 -2.62 21.38
CA GLY A 324 -11.65 -2.76 20.29
C GLY A 324 -13.08 -2.89 20.81
N ASP A 325 -14.01 -3.02 19.86
CA ASP A 325 -15.39 -3.30 20.23
C ASP A 325 -16.05 -4.04 19.08
N LYS A 326 -17.32 -4.43 19.31
CA LYS A 326 -18.05 -5.22 18.32
C LYS A 326 -18.36 -4.45 17.04
N TYR A 327 -18.10 -3.14 17.00
CA TYR A 327 -18.31 -2.33 15.82
C TYR A 327 -17.06 -2.18 14.97
N GLY A 328 -15.93 -2.72 15.42
CA GLY A 328 -14.75 -2.75 14.61
C GLY A 328 -13.88 -1.51 14.64
N ARG A 329 -14.00 -0.68 15.67
CA ARG A 329 -13.20 0.54 15.73
C ARG A 329 -11.71 0.20 15.80
N ALA A 330 -10.90 1.09 15.23
CA ALA A 330 -9.45 0.98 15.35
C ALA A 330 -9.02 1.22 16.80
N PHE A 331 -7.89 0.63 17.18
CA PHE A 331 -7.30 0.95 18.47
C PHE A 331 -5.79 0.80 18.41
N ARG A 332 -5.11 1.60 19.22
CA ARG A 332 -3.70 1.39 19.51
C ARG A 332 -3.57 0.23 20.48
N ASP A 333 -2.53 -0.58 20.31
CA ASP A 333 -2.29 -1.74 21.17
C ASP A 333 -0.97 -1.54 21.90
N PRO A 334 -1.00 -0.97 23.11
CA PRO A 334 0.27 -0.72 23.83
C PRO A 334 1.03 -1.98 24.17
N GLU A 335 0.36 -3.11 24.39
CA GLU A 335 1.07 -4.34 24.71
C GLU A 335 1.95 -4.77 23.53
N TRP A 336 1.40 -4.74 22.31
CA TRP A 336 2.20 -5.13 21.16
C TRP A 336 3.17 -4.03 20.74
N GLU A 337 2.90 -2.77 21.11
CA GLU A 337 3.92 -1.75 20.98
C GLU A 337 5.14 -2.07 21.82
N LYS A 338 4.93 -2.54 23.06
CA LYS A 338 6.05 -2.97 23.90
C LYS A 338 6.78 -4.15 23.28
N ILE A 339 6.03 -5.09 22.69
CA ILE A 339 6.67 -6.24 22.06
C ILE A 339 7.51 -5.80 20.87
N VAL A 340 7.00 -4.87 20.07
CA VAL A 340 7.78 -4.34 18.94
C VAL A 340 9.09 -3.72 19.45
N MET A 341 9.01 -2.95 20.53
CA MET A 341 10.22 -2.33 21.07
C MET A 341 11.19 -3.39 21.61
N GLU A 342 10.67 -4.43 22.26
CA GLU A 342 11.56 -5.49 22.75
C GLU A 342 12.26 -6.20 21.60
N VAL A 343 11.52 -6.50 20.53
CA VAL A 343 12.12 -7.12 19.36
C VAL A 343 13.17 -6.21 18.76
N ALA A 344 12.85 -4.91 18.64
CA ALA A 344 13.79 -3.95 18.06
C ALA A 344 15.06 -3.86 18.90
N GLN A 345 14.91 -3.80 20.23
CA GLN A 345 16.08 -3.67 21.09
C GLN A 345 16.91 -4.94 21.09
N LYS A 346 16.28 -6.09 21.29
CA LYS A 346 17.02 -7.35 21.34
C LYS A 346 17.59 -7.75 19.98
N SER A 347 17.16 -7.10 18.89
CA SER A 347 17.70 -7.44 17.57
C SER A 347 19.19 -7.19 17.50
N GLY A 348 19.71 -6.27 18.32
CA GLY A 348 21.10 -5.89 18.24
C GLY A 348 21.47 -5.02 17.05
N ILE A 349 20.50 -4.64 16.22
CA ILE A 349 20.82 -3.81 15.05
C ILE A 349 21.29 -2.44 15.48
N GLY A 350 20.65 -1.86 16.49
CA GLY A 350 21.11 -0.62 17.06
C GLY A 350 20.86 0.58 16.17
N ALA A 351 21.39 1.71 16.62
CA ALA A 351 21.28 2.97 15.90
C ALA A 351 22.32 2.97 14.77
N GLN A 352 22.01 2.15 13.75
CA GLN A 352 22.75 2.05 12.48
C GLN A 352 23.96 1.12 12.55
N PHE A 353 24.63 1.01 13.69
CA PHE A 353 25.90 0.27 13.69
C PHE A 353 26.02 -0.65 14.90
N GLY A 354 24.93 -1.33 15.26
CA GLY A 354 24.98 -2.31 16.33
C GLY A 354 24.71 -1.73 17.70
N GLY A 355 23.75 -2.30 18.40
CA GLY A 355 23.41 -1.86 19.74
C GLY A 355 21.93 -2.05 20.02
N LYS A 356 21.40 -1.17 20.86
CA LYS A 356 20.04 -1.28 21.36
C LYS A 356 19.04 -0.36 20.66
N TYR A 357 19.48 0.74 20.07
CA TYR A 357 18.53 1.79 19.70
C TYR A 357 18.15 1.75 18.23
N PHE A 358 17.74 0.55 17.79
CA PHE A 358 17.09 0.40 16.49
C PHE A 358 15.86 1.29 16.38
N ALA A 359 15.14 1.52 17.48
CA ALA A 359 13.89 2.26 17.44
C ALA A 359 13.79 3.28 18.57
N HIS A 360 13.24 4.45 18.24
CA HIS A 360 12.81 5.43 19.24
C HIS A 360 11.63 4.91 20.05
N GLN A 361 10.60 4.46 19.36
CA GLN A 361 9.31 4.12 19.94
C GLN A 361 8.54 3.35 18.88
N ALA A 362 7.38 2.82 19.27
CA ALA A 362 6.59 2.02 18.35
C ALA A 362 5.12 2.42 18.45
N ARG A 363 4.43 2.32 17.32
CA ARG A 363 2.98 2.48 17.27
C ARG A 363 2.40 1.24 16.61
N VAL A 364 1.39 0.63 17.24
CA VAL A 364 0.71 -0.52 16.68
C VAL A 364 -0.78 -0.22 16.66
N ILE A 365 -1.38 -0.28 15.47
N ILE A 365 -1.36 -0.25 15.47
CA ILE A 365 -2.81 -0.01 15.33
CA ILE A 365 -2.80 -0.02 15.28
C ILE A 365 -3.48 -1.25 14.76
C ILE A 365 -3.42 -1.32 14.80
N ARG A 366 -4.47 -1.76 15.49
CA ARG A 366 -5.25 -2.91 15.06
C ARG A 366 -6.50 -2.40 14.36
N LEU A 367 -6.77 -2.91 13.16
CA LEU A 367 -7.87 -2.47 12.33
C LEU A 367 -8.86 -3.60 12.08
N PRO A 368 -10.10 -3.28 11.72
CA PRO A 368 -11.03 -4.31 11.24
C PRO A 368 -10.58 -4.86 9.90
N ARG A 369 -11.14 -6.00 9.51
CA ARG A 369 -10.75 -6.66 8.27
C ARG A 369 -11.92 -7.47 7.72
N HIS A 370 -11.99 -7.56 6.39
CA HIS A 370 -12.79 -8.59 5.74
C HIS A 370 -12.31 -9.96 6.23
N GLY A 371 -13.26 -10.88 6.47
CA GLY A 371 -12.90 -12.19 6.98
C GLY A 371 -11.85 -12.91 6.13
N ALA A 372 -11.87 -12.70 4.82
CA ALA A 372 -10.91 -13.32 3.90
C ALA A 372 -9.57 -12.61 3.86
N SER A 373 -9.41 -11.49 4.56
CA SER A 373 -8.28 -10.59 4.33
C SER A 373 -7.56 -10.28 5.62
N CYS A 374 -6.26 -10.02 5.51
CA CYS A 374 -5.49 -9.45 6.62
C CYS A 374 -4.30 -8.70 6.06
N PRO A 375 -4.53 -7.51 5.48
CA PRO A 375 -3.39 -6.68 5.07
C PRO A 375 -2.65 -6.20 6.30
N VAL A 376 -1.34 -6.06 6.16
CA VAL A 376 -0.48 -5.62 7.24
C VAL A 376 0.49 -4.60 6.68
N GLY A 377 0.65 -3.48 7.38
CA GLY A 377 1.57 -2.43 6.96
C GLY A 377 2.65 -2.23 8.00
N LEU A 378 3.88 -2.03 7.52
CA LEU A 378 5.03 -1.75 8.35
C LEU A 378 5.78 -0.58 7.72
N ALA A 379 6.05 0.46 8.51
CA ALA A 379 6.69 1.65 8.00
C ALA A 379 7.41 2.35 9.14
N VAL A 380 8.33 3.24 8.79
CA VAL A 380 9.12 3.97 9.78
C VAL A 380 9.08 5.46 9.49
N SER A 381 9.29 6.24 10.55
CA SER A 381 9.78 7.60 10.41
C SER A 381 11.26 7.59 10.75
N CYS A 382 12.06 8.25 9.92
CA CYS A 382 13.51 8.15 9.96
C CYS A 382 14.11 9.27 10.83
N SER A 383 15.44 9.40 10.79
CA SER A 383 16.11 10.46 11.54
C SER A 383 15.62 11.84 11.12
N ALA A 384 15.25 12.01 9.84
CA ALA A 384 14.64 13.26 9.37
C ALA A 384 13.12 13.14 9.58
N ASP A 385 12.75 13.15 10.85
CA ASP A 385 11.38 12.97 11.30
C ASP A 385 10.68 14.32 11.17
N ARG A 386 9.93 14.51 10.09
CA ARG A 386 9.50 15.84 9.66
C ARG A 386 8.00 15.89 9.39
N GLN A 387 7.24 16.32 10.39
CA GLN A 387 5.82 16.60 10.21
C GLN A 387 5.44 17.79 11.07
N ILE A 388 4.40 18.50 10.65
N ILE A 388 4.38 18.49 10.66
CA ILE A 388 3.89 19.62 11.43
CA ILE A 388 3.89 19.67 11.35
C ILE A 388 2.37 19.66 11.30
C ILE A 388 2.36 19.73 11.28
N LEU A 389 1.69 19.81 12.44
CA LEU A 389 0.25 19.97 12.47
C LEU A 389 -0.09 21.45 12.36
N ALA A 390 -1.27 21.74 11.80
CA ALA A 390 -1.67 23.13 11.68
C ALA A 390 -3.19 23.19 11.54
N HIS A 391 -3.75 24.38 11.78
CA HIS A 391 -5.17 24.55 11.54
C HIS A 391 -5.48 26.02 11.31
N ILE A 392 -6.52 26.26 10.53
CA ILE A 392 -7.05 27.60 10.26
C ILE A 392 -8.45 27.67 10.85
N ASN A 393 -8.72 28.69 11.65
CA ASN A 393 -10.05 28.86 12.22
C ASN A 393 -10.39 30.35 12.27
N LYS A 394 -11.49 30.67 12.95
CA LYS A 394 -11.93 32.06 13.11
C LYS A 394 -10.84 32.99 13.65
N SER A 395 -9.87 32.46 14.39
CA SER A 395 -8.83 33.29 14.99
C SER A 395 -7.60 33.44 14.09
N GLY A 396 -7.51 32.68 13.01
CA GLY A 396 -6.38 32.82 12.11
C GLY A 396 -5.67 31.51 11.82
N ILE A 397 -4.36 31.59 11.57
CA ILE A 397 -3.54 30.45 11.17
C ILE A 397 -2.68 30.03 12.35
N TYR A 398 -2.75 28.74 12.71
CA TYR A 398 -1.99 28.18 13.80
C TYR A 398 -1.11 27.06 13.27
N ILE A 399 0.14 27.00 13.75
N ILE A 399 0.14 27.01 13.76
CA ILE A 399 1.09 26.01 13.29
CA ILE A 399 1.13 26.04 13.31
C ILE A 399 1.82 25.41 14.48
C ILE A 399 1.77 25.39 14.53
N GLU A 400 2.02 24.10 14.45
CA GLU A 400 2.66 23.39 15.55
C GLU A 400 4.04 23.98 15.84
N GLN A 401 4.31 24.17 17.13
CA GLN A 401 5.59 24.70 17.59
C GLN A 401 6.57 23.55 17.79
N LEU A 402 7.68 23.59 17.06
CA LEU A 402 8.74 22.60 17.20
C LEU A 402 9.81 23.11 18.16
N GLU A 403 10.76 22.24 18.50
CA GLU A 403 11.75 22.58 19.51
C GLU A 403 12.86 23.41 18.87
N GLN A 404 12.98 24.67 19.31
CA GLN A 404 13.95 25.59 18.73
C GLN A 404 15.33 25.49 19.38
N ASN A 405 15.45 24.84 20.52
CA ASN A 405 16.73 24.70 21.23
C ASN A 405 17.04 23.22 21.43
N PRO A 406 17.40 22.50 20.37
CA PRO A 406 17.75 21.08 20.53
C PRO A 406 18.97 20.85 21.40
N ALA A 407 19.82 21.86 21.59
CA ALA A 407 21.05 21.66 22.34
C ALA A 407 20.79 21.27 23.79
N GLN A 408 19.62 21.62 24.33
CA GLN A 408 19.31 21.24 25.71
C GLN A 408 19.21 19.73 25.88
N TYR A 409 18.95 18.99 24.80
CA TYR A 409 18.89 17.54 24.87
C TYR A 409 20.27 16.90 24.82
N LEU A 410 21.31 17.68 24.61
CA LEU A 410 22.67 17.18 24.47
C LEU A 410 23.33 17.11 25.83
N PRO A 411 23.66 15.90 26.35
CA PRO A 411 24.40 15.81 27.61
C PRO A 411 25.83 16.31 27.47
N THR A 421 38.64 5.70 19.40
CA THR A 421 39.57 6.19 18.39
C THR A 421 39.12 5.77 16.99
N SER A 422 39.82 6.27 15.98
CA SER A 422 39.49 5.94 14.59
C SER A 422 40.75 5.99 13.74
N VAL A 423 40.66 5.42 12.54
CA VAL A 423 41.77 5.32 11.61
C VAL A 423 41.68 6.45 10.60
N LYS A 424 42.74 7.24 10.51
CA LYS A 424 42.80 8.30 9.50
C LYS A 424 43.14 7.68 8.15
N VAL A 425 42.29 7.94 7.16
CA VAL A 425 42.46 7.41 5.82
C VAL A 425 42.66 8.59 4.86
N ASP A 426 43.84 8.65 4.25
CA ASP A 426 44.17 9.72 3.31
C ASP A 426 43.75 9.26 1.92
N LEU A 427 42.69 9.88 1.38
CA LEU A 427 42.23 9.53 0.04
C LEU A 427 43.05 10.18 -1.06
N LYS A 428 43.95 11.12 -0.70
CA LYS A 428 44.81 11.78 -1.67
C LYS A 428 46.00 10.91 -2.08
N ARG A 429 45.78 9.61 -2.17
CA ARG A 429 46.78 8.63 -2.56
C ARG A 429 46.20 7.82 -3.70
N PRO A 430 47.04 7.03 -4.38
CA PRO A 430 46.49 6.05 -5.33
C PRO A 430 45.45 5.18 -4.65
N ILE A 431 44.37 4.91 -5.38
CA ILE A 431 43.26 4.15 -4.80
C ILE A 431 43.75 2.78 -4.32
N ASP A 432 44.76 2.22 -4.99
CA ASP A 432 45.28 0.91 -4.57
C ASP A 432 45.98 1.01 -3.21
N LYS A 433 46.62 2.14 -2.91
CA LYS A 433 47.19 2.33 -1.57
C LYS A 433 46.09 2.45 -0.52
N VAL A 434 44.99 3.12 -0.87
CA VAL A 434 43.86 3.21 0.05
C VAL A 434 43.27 1.84 0.31
N ARG A 435 43.11 1.04 -0.76
CA ARG A 435 42.61 -0.32 -0.59
C ARG A 435 43.52 -1.14 0.32
N GLN A 436 44.84 -0.99 0.14
CA GLN A 436 45.80 -1.71 0.98
C GLN A 436 45.64 -1.35 2.45
N GLN A 437 45.49 -0.05 2.75
CA GLN A 437 45.31 0.36 4.14
C GLN A 437 44.02 -0.21 4.72
N LEU A 438 42.90 -0.08 3.99
CA LEU A 438 41.64 -0.60 4.50
C LEU A 438 41.70 -2.10 4.75
N SER A 439 42.48 -2.82 3.94
CA SER A 439 42.57 -4.27 4.07
C SER A 439 43.16 -4.70 5.42
N GLN A 440 43.83 -3.79 6.12
CA GLN A 440 44.45 -4.09 7.40
C GLN A 440 43.46 -4.14 8.55
N TYR A 441 42.20 -3.80 8.32
CA TYR A 441 41.27 -3.61 9.43
C TYR A 441 40.02 -4.47 9.27
N PRO A 442 39.42 -4.88 10.39
CA PRO A 442 38.16 -5.64 10.34
C PRO A 442 36.95 -4.75 10.12
N VAL A 443 35.83 -5.40 9.73
CA VAL A 443 34.56 -4.70 9.66
C VAL A 443 34.21 -4.16 11.05
N GLY A 444 33.50 -3.02 11.06
CA GLY A 444 33.22 -2.31 12.30
C GLY A 444 34.24 -1.27 12.68
N THR A 445 35.41 -1.29 12.05
CA THR A 445 36.42 -0.26 12.31
C THR A 445 35.89 1.10 11.85
N ARG A 446 36.03 2.10 12.71
CA ARG A 446 35.66 3.47 12.33
C ARG A 446 36.84 4.16 11.67
N VAL A 447 36.57 4.86 10.56
CA VAL A 447 37.60 5.56 9.80
C VAL A 447 37.21 7.02 9.68
N MET A 448 38.22 7.85 9.37
CA MET A 448 38.02 9.26 9.07
C MET A 448 38.66 9.54 7.71
N LEU A 449 37.84 9.95 6.75
CA LEU A 449 38.28 10.10 5.37
C LEU A 449 38.72 11.54 5.11
N ASN A 450 39.84 11.67 4.40
CA ASN A 450 40.39 12.97 4.04
C ASN A 450 40.81 12.92 2.57
N GLY A 451 40.13 13.70 1.74
CA GLY A 451 40.47 13.77 0.33
C GLY A 451 39.27 13.83 -0.60
N THR A 452 39.47 13.36 -1.82
CA THR A 452 38.47 13.49 -2.88
C THR A 452 37.50 12.32 -2.86
N LEU A 453 36.22 12.62 -3.01
CA LEU A 453 35.19 11.64 -3.29
C LEU A 453 34.52 11.97 -4.62
N ILE A 454 34.21 10.95 -5.41
CA ILE A 454 33.40 11.11 -6.60
C ILE A 454 31.98 10.72 -6.25
N VAL A 455 31.03 11.62 -6.51
CA VAL A 455 29.66 11.50 -6.03
C VAL A 455 28.78 11.07 -7.19
N ALA A 456 28.05 9.98 -7.01
CA ALA A 456 27.17 9.48 -8.06
C ALA A 456 26.11 8.58 -7.43
N ARG A 457 24.86 8.74 -7.86
CA ARG A 457 23.81 7.87 -7.35
C ARG A 457 23.03 7.21 -8.48
N ASP A 458 21.71 7.12 -8.33
CA ASP A 458 20.91 6.18 -9.12
C ASP A 458 21.04 6.44 -10.62
N ILE A 459 20.77 7.67 -11.05
CA ILE A 459 20.67 7.94 -12.49
C ILE A 459 22.07 7.92 -13.11
N ALA A 460 23.06 8.45 -12.41
CA ALA A 460 24.43 8.40 -12.93
C ALA A 460 24.89 6.96 -13.11
N HIS A 461 24.60 6.09 -12.14
CA HIS A 461 24.97 4.69 -12.29
C HIS A 461 24.27 4.06 -13.50
N ALA A 462 22.96 4.35 -13.68
CA ALA A 462 22.23 3.80 -14.80
C ALA A 462 22.78 4.31 -16.14
N LYS A 463 23.13 5.60 -16.20
CA LYS A 463 23.70 6.15 -17.43
C LYS A 463 25.06 5.52 -17.73
N ILE A 464 25.88 5.31 -16.70
CA ILE A 464 27.21 4.75 -16.93
C ILE A 464 27.11 3.30 -17.37
N LYS A 465 26.22 2.52 -16.75
CA LYS A 465 26.01 1.14 -17.19
C LYS A 465 25.48 1.11 -18.62
N GLU A 466 24.56 2.03 -18.95
CA GLU A 466 24.05 2.11 -20.31
C GLU A 466 25.16 2.39 -21.30
N MET A 467 26.09 3.28 -20.93
CA MET A 467 27.25 3.54 -21.78
C MET A 467 28.05 2.27 -22.01
N MET A 468 28.32 1.53 -20.93
CA MET A 468 29.14 0.32 -21.04
C MET A 468 28.44 -0.75 -21.88
N ASP A 469 27.11 -0.85 -21.75
CA ASP A 469 26.36 -1.79 -22.58
C ASP A 469 26.45 -1.44 -24.07
N ASN A 470 26.75 -0.18 -24.39
CA ASN A 470 26.98 0.25 -25.77
C ASN A 470 28.45 0.20 -26.15
N GLY A 471 29.27 -0.53 -25.40
CA GLY A 471 30.67 -0.68 -25.73
C GLY A 471 31.59 0.39 -25.17
N GLU A 472 31.05 1.40 -24.51
CA GLU A 472 31.85 2.49 -23.98
C GLU A 472 32.57 2.05 -22.70
N PRO A 473 33.77 2.57 -22.45
CA PRO A 473 34.50 2.19 -21.24
C PRO A 473 33.89 2.83 -19.99
N LEU A 474 34.11 2.18 -18.85
CA LEU A 474 33.81 2.81 -17.57
C LEU A 474 34.64 4.09 -17.44
N PRO A 475 34.02 5.24 -17.20
CA PRO A 475 34.77 6.50 -17.18
C PRO A 475 35.88 6.47 -16.12
N GLU A 476 36.95 7.20 -16.40
CA GLU A 476 38.12 7.18 -15.52
C GLU A 476 37.82 7.75 -14.14
N TYR A 477 36.89 8.72 -14.05
CA TYR A 477 36.58 9.30 -12.74
C TYR A 477 35.89 8.33 -11.80
N MET A 478 35.45 7.17 -12.29
CA MET A 478 34.89 6.14 -11.43
C MET A 478 35.97 5.22 -10.85
N LYS A 479 37.23 5.42 -11.23
CA LYS A 479 38.33 4.55 -10.83
C LYS A 479 39.36 5.22 -9.93
N THR A 480 39.37 6.55 -9.87
CA THR A 480 40.45 7.25 -9.17
C THR A 480 40.18 7.47 -7.68
N SER A 481 38.92 7.47 -7.28
CA SER A 481 38.50 7.88 -5.94
C SER A 481 37.36 6.98 -5.49
N PRO A 482 37.11 6.90 -4.17
CA PRO A 482 35.91 6.23 -3.70
C PRO A 482 34.65 6.91 -4.24
N ILE A 483 33.60 6.11 -4.43
CA ILE A 483 32.33 6.59 -4.94
C ILE A 483 31.39 6.85 -3.76
N TYR A 484 30.97 8.09 -3.61
CA TYR A 484 30.05 8.52 -2.56
C TYR A 484 28.66 8.60 -3.18
N TYR A 485 27.74 7.74 -2.73
CA TYR A 485 26.36 7.83 -3.19
C TYR A 485 25.68 8.97 -2.44
N ALA A 486 25.39 10.06 -3.12
CA ALA A 486 24.74 11.19 -2.44
C ALA A 486 24.19 12.16 -3.47
N GLY A 487 23.23 12.96 -3.02
CA GLY A 487 22.71 14.07 -3.81
C GLY A 487 22.51 15.30 -2.95
N PRO A 488 23.26 16.36 -3.23
CA PRO A 488 23.27 17.51 -2.32
C PRO A 488 22.04 18.40 -2.48
N ALA A 489 21.65 19.01 -1.36
CA ALA A 489 20.73 20.14 -1.40
C ALA A 489 21.46 21.40 -1.85
N LYS A 490 20.70 22.47 -2.07
CA LYS A 490 21.27 23.69 -2.62
C LYS A 490 22.24 24.35 -1.64
N THR A 491 23.28 24.97 -2.20
CA THR A 491 24.33 25.56 -1.38
C THR A 491 23.94 26.97 -0.92
N PRO A 492 23.92 27.23 0.38
CA PRO A 492 23.70 28.61 0.85
C PRO A 492 24.81 29.54 0.39
N GLU A 493 24.46 30.80 0.20
CA GLU A 493 25.45 31.82 -0.16
C GLU A 493 26.55 31.86 0.89
N GLY A 494 27.80 31.85 0.41
CA GLY A 494 28.96 31.89 1.28
C GLY A 494 29.37 30.56 1.87
N TYR A 495 28.65 29.48 1.58
CA TYR A 495 28.96 28.15 2.08
C TYR A 495 29.69 27.34 1.02
N ALA A 496 30.54 26.43 1.47
CA ALA A 496 31.19 25.51 0.53
C ALA A 496 30.20 24.50 -0.03
N SER A 497 29.17 24.15 0.73
CA SER A 497 28.26 23.09 0.34
C SER A 497 26.96 23.22 1.10
N GLY A 498 25.86 22.85 0.44
CA GLY A 498 24.62 22.59 1.13
C GLY A 498 24.67 21.25 1.84
N SER A 499 23.57 20.93 2.54
CA SER A 499 23.45 19.64 3.20
C SER A 499 23.72 18.51 2.22
N PHE A 500 24.50 17.52 2.65
CA PHE A 500 25.13 16.61 1.71
C PHE A 500 25.44 15.26 2.36
N GLY A 501 24.43 14.62 2.94
CA GLY A 501 24.59 13.32 3.55
C GLY A 501 24.37 12.19 2.57
N PRO A 502 24.58 10.95 3.04
CA PRO A 502 24.61 9.81 2.12
C PRO A 502 23.24 9.31 1.66
N ALA A 503 23.24 8.67 0.49
CA ALA A 503 22.08 7.97 -0.05
C ALA A 503 22.13 6.49 0.34
N THR A 504 21.02 5.80 0.08
CA THR A 504 20.90 4.37 0.43
C THR A 504 21.75 3.52 -0.50
N ALA A 505 22.72 2.80 0.06
CA ALA A 505 23.67 2.04 -0.75
C ALA A 505 22.97 0.93 -1.54
N GLY A 506 21.97 0.28 -0.92
CA GLY A 506 21.38 -0.91 -1.52
C GLY A 506 20.80 -0.69 -2.89
N ARG A 507 20.38 0.54 -3.20
CA ARG A 507 19.81 0.82 -4.53
C ARG A 507 20.84 0.71 -5.65
N MET A 508 22.13 0.82 -5.33
CA MET A 508 23.19 0.72 -6.32
C MET A 508 23.84 -0.67 -6.34
N ASP A 509 23.29 -1.64 -5.60
CA ASP A 509 23.93 -2.95 -5.49
C ASP A 509 24.16 -3.61 -6.84
N SER A 510 23.23 -3.44 -7.78
CA SER A 510 23.35 -4.16 -9.05
C SER A 510 24.52 -3.69 -9.91
N TYR A 511 25.19 -2.60 -9.53
CA TYR A 511 26.27 -2.04 -10.34
C TYR A 511 27.67 -2.38 -9.84
N VAL A 512 27.80 -2.84 -8.59
CA VAL A 512 29.12 -2.91 -7.97
C VAL A 512 29.99 -3.95 -8.67
N ASP A 513 29.49 -5.17 -8.82
CA ASP A 513 30.30 -6.22 -9.46
C ASP A 513 30.71 -5.81 -10.87
N LEU A 514 29.76 -5.28 -11.65
CA LEU A 514 30.06 -4.83 -13.00
C LEU A 514 31.17 -3.79 -13.00
N PHE A 515 31.00 -2.73 -12.21
CA PHE A 515 31.98 -1.66 -12.19
C PHE A 515 33.32 -2.14 -11.67
N GLN A 516 33.32 -2.98 -10.63
CA GLN A 516 34.57 -3.48 -10.09
C GLN A 516 35.29 -4.37 -11.10
N SER A 517 34.55 -5.17 -11.86
CA SER A 517 35.17 -5.99 -12.91
C SER A 517 35.78 -5.12 -14.01
N HIS A 518 35.40 -3.85 -14.11
CA HIS A 518 36.01 -2.93 -15.07
C HIS A 518 36.97 -1.96 -14.40
N GLY A 519 37.42 -2.26 -13.18
CA GLY A 519 38.47 -1.49 -12.56
C GLY A 519 38.03 -0.26 -11.80
N GLY A 520 36.76 -0.17 -11.40
CA GLY A 520 36.29 1.00 -10.70
C GLY A 520 35.34 0.64 -9.57
N SER A 521 34.94 1.66 -8.82
CA SER A 521 34.03 1.50 -7.69
C SER A 521 34.55 0.48 -6.68
N TYR A 522 35.87 0.39 -6.53
CA TYR A 522 36.46 -0.51 -5.55
C TYR A 522 36.09 -0.10 -4.12
N ILE A 523 35.88 1.20 -3.89
CA ILE A 523 35.49 1.72 -2.58
C ILE A 523 34.23 2.55 -2.77
N THR A 524 33.17 2.18 -2.06
CA THR A 524 31.93 2.95 -2.07
C THR A 524 31.65 3.46 -0.67
N LEU A 525 30.91 4.57 -0.60
CA LEU A 525 30.58 5.22 0.66
C LEU A 525 29.14 5.66 0.59
N ALA A 526 28.31 5.16 1.50
CA ALA A 526 26.89 5.47 1.54
C ALA A 526 26.37 5.04 2.91
N LYS A 527 25.07 4.74 3.01
CA LYS A 527 24.50 4.24 4.26
C LYS A 527 23.56 3.08 3.96
N GLY A 528 23.41 2.22 4.95
CA GLY A 528 22.52 1.08 4.81
C GLY A 528 23.27 -0.21 4.59
N ASN A 529 22.65 -1.31 5.01
CA ASN A 529 23.17 -2.64 4.71
C ASN A 529 23.01 -2.94 3.23
N ARG A 530 23.87 -3.83 2.72
CA ARG A 530 23.86 -4.17 1.30
C ARG A 530 23.63 -5.67 1.12
N SER A 531 23.31 -6.05 -0.11
CA SER A 531 22.99 -7.43 -0.42
C SER A 531 24.25 -8.27 -0.55
N LYS A 532 24.05 -9.59 -0.59
CA LYS A 532 25.16 -10.53 -0.62
C LYS A 532 26.02 -10.38 -1.88
N GLN A 533 25.42 -9.97 -3.00
CA GLN A 533 26.18 -9.79 -4.22
C GLN A 533 27.28 -8.75 -4.05
N VAL A 534 27.07 -7.76 -3.19
CA VAL A 534 28.09 -6.74 -2.96
C VAL A 534 29.21 -7.27 -2.08
N THR A 535 28.87 -8.05 -1.05
CA THR A 535 29.89 -8.72 -0.25
C THR A 535 30.75 -9.64 -1.12
N ASP A 536 30.10 -10.42 -2.01
CA ASP A 536 30.85 -11.31 -2.89
C ASP A 536 31.75 -10.52 -3.85
N ALA A 537 31.24 -9.40 -4.35
CA ALA A 537 32.02 -8.59 -5.29
C ALA A 537 33.27 -8.02 -4.62
N CYS A 538 33.11 -7.45 -3.42
CA CYS A 538 34.25 -6.87 -2.72
C CYS A 538 35.30 -7.94 -2.40
N LYS A 539 34.86 -9.16 -2.09
CA LYS A 539 35.81 -10.23 -1.83
C LYS A 539 36.50 -10.68 -3.12
N LYS A 540 35.75 -10.77 -4.22
CA LYS A 540 36.34 -11.16 -5.50
C LYS A 540 37.34 -10.12 -6.00
N HIS A 541 37.01 -8.83 -5.86
CA HIS A 541 37.75 -7.76 -6.49
C HIS A 541 38.63 -6.94 -5.56
N GLY A 542 38.70 -7.27 -4.28
CA GLY A 542 39.48 -6.49 -3.34
C GLY A 542 38.85 -5.13 -3.10
N GLY A 543 37.56 -5.12 -2.79
CA GLY A 543 36.80 -3.91 -2.60
C GLY A 543 36.35 -3.73 -1.16
N PHE A 544 35.74 -2.56 -0.92
CA PHE A 544 35.28 -2.19 0.41
C PHE A 544 34.01 -1.36 0.27
N TYR A 545 33.09 -1.53 1.22
CA TYR A 545 31.95 -0.64 1.36
C TYR A 545 32.05 0.05 2.72
N LEU A 546 32.06 1.38 2.71
CA LEU A 546 32.16 2.19 3.92
C LEU A 546 30.79 2.78 4.23
N GLY A 547 30.35 2.62 5.47
CA GLY A 547 29.08 3.17 5.89
C GLY A 547 29.22 4.50 6.58
N SER A 548 28.79 5.57 5.91
CA SER A 548 28.62 6.85 6.58
C SER A 548 27.47 6.75 7.57
N ILE A 549 27.54 7.58 8.62
CA ILE A 549 26.35 7.81 9.42
C ILE A 549 25.27 8.37 8.51
N GLY A 550 24.04 7.87 8.65
CA GLY A 550 22.91 8.33 7.86
C GLY A 550 22.13 9.39 8.60
N GLY A 551 21.83 10.49 7.91
CA GLY A 551 21.07 11.56 8.52
C GLY A 551 21.77 12.89 8.77
N PRO A 552 23.07 12.90 9.20
CA PRO A 552 23.64 14.17 9.67
C PRO A 552 24.15 15.04 8.53
N ALA A 553 23.25 15.41 7.62
CA ALA A 553 23.67 16.08 6.39
C ALA A 553 24.17 17.49 6.63
N ALA A 554 23.62 18.19 7.63
CA ALA A 554 24.03 19.57 7.88
C ALA A 554 25.41 19.64 8.52
N ILE A 555 25.68 18.80 9.52
CA ILE A 555 27.00 18.87 10.15
C ILE A 555 28.09 18.33 9.22
N LEU A 556 27.77 17.38 8.35
CA LEU A 556 28.73 16.96 7.33
C LEU A 556 29.08 18.12 6.41
N ALA A 557 28.06 18.85 5.93
CA ALA A 557 28.31 19.99 5.06
C ALA A 557 29.11 21.07 5.77
N LYS A 558 28.75 21.38 7.01
CA LYS A 558 29.40 22.48 7.72
C LYS A 558 30.84 22.12 8.07
N ASP A 559 31.07 20.90 8.55
CA ASP A 559 32.35 20.53 9.14
C ASP A 559 33.26 19.73 8.22
N SER A 560 32.70 18.93 7.31
CA SER A 560 33.52 17.97 6.58
C SER A 560 33.71 18.32 5.11
N ILE A 561 32.73 18.89 4.44
CA ILE A 561 32.80 19.11 3.01
C ILE A 561 33.41 20.49 2.75
N LYS A 562 34.55 20.51 2.06
CA LYS A 562 35.32 21.72 1.87
C LYS A 562 35.20 22.30 0.47
N GLN A 563 34.91 21.49 -0.54
CA GLN A 563 34.81 21.96 -1.92
C GLN A 563 33.87 21.03 -2.67
N VAL A 564 33.04 21.60 -3.55
CA VAL A 564 32.11 20.84 -4.37
C VAL A 564 32.19 21.38 -5.79
N THR A 565 32.37 20.50 -6.77
CA THR A 565 32.36 20.87 -8.17
C THR A 565 31.61 19.81 -8.96
N CYS A 566 30.85 20.25 -9.96
CA CYS A 566 30.18 19.34 -10.88
C CYS A 566 31.18 18.81 -11.90
N LEU A 567 31.23 17.49 -12.05
CA LEU A 567 32.19 16.85 -12.94
C LEU A 567 31.57 16.34 -14.23
N ALA A 568 30.36 15.80 -14.17
CA ALA A 568 29.72 15.23 -15.35
C ALA A 568 28.21 15.24 -15.16
N PHE A 569 27.50 15.13 -16.29
CA PHE A 569 26.04 15.07 -16.32
C PHE A 569 25.36 16.20 -15.56
N PRO A 570 25.72 17.46 -15.84
CA PRO A 570 25.13 18.57 -15.08
C PRO A 570 23.62 18.67 -15.19
N GLU A 571 23.04 18.22 -16.31
CA GLU A 571 21.60 18.30 -16.51
C GLU A 571 20.81 17.49 -15.51
N LEU A 572 21.44 16.58 -14.76
CA LEU A 572 20.72 15.77 -13.80
C LEU A 572 20.45 16.48 -12.49
N GLY A 573 20.92 17.72 -12.32
CA GLY A 573 20.64 18.45 -11.09
C GLY A 573 21.41 17.85 -9.93
N MET A 574 20.72 17.55 -8.84
CA MET A 574 21.38 16.95 -7.68
C MET A 574 21.95 15.58 -8.00
N GLU A 575 21.48 14.93 -9.07
CA GLU A 575 21.95 13.62 -9.48
C GLU A 575 23.10 13.68 -10.48
N ALA A 576 23.68 14.86 -10.69
CA ALA A 576 24.90 14.95 -11.49
C ALA A 576 26.05 14.23 -10.78
N VAL A 577 27.11 13.95 -11.53
CA VAL A 577 28.34 13.46 -10.91
C VAL A 577 29.10 14.65 -10.34
N TRP A 578 29.43 14.58 -9.06
CA TRP A 578 30.17 15.65 -8.40
C TRP A 578 31.55 15.15 -7.97
N LYS A 579 32.47 16.09 -7.84
CA LYS A 579 33.77 15.86 -7.24
C LYS A 579 33.84 16.75 -6.01
N ILE A 580 34.00 16.15 -4.84
CA ILE A 580 34.01 16.89 -3.59
C ILE A 580 35.27 16.57 -2.81
N GLU A 581 35.74 17.56 -2.06
CA GLU A 581 36.87 17.41 -1.14
C GLU A 581 36.34 17.44 0.28
N VAL A 582 36.71 16.43 1.07
CA VAL A 582 36.18 16.28 2.42
C VAL A 582 37.34 16.17 3.40
N GLU A 583 37.05 16.55 4.65
CA GLU A 583 37.99 16.39 5.75
C GLU A 583 37.24 15.82 6.94
N ASP A 584 37.88 14.89 7.64
CA ASP A 584 37.34 14.32 8.87
C ASP A 584 35.94 13.76 8.65
N PHE A 585 35.77 13.02 7.55
CA PHE A 585 34.48 12.43 7.20
C PHE A 585 34.39 11.07 7.89
N PRO A 586 33.51 10.89 8.87
CA PRO A 586 33.46 9.60 9.60
C PRO A 586 32.73 8.53 8.81
N ALA A 587 33.20 7.30 8.95
CA ALA A 587 32.54 6.13 8.37
C ALA A 587 33.00 4.88 9.09
N PHE A 588 32.24 3.80 8.92
CA PHE A 588 32.59 2.48 9.41
C PHE A 588 32.88 1.58 8.22
N ILE A 589 33.85 0.67 8.38
CA ILE A 589 34.06 -0.37 7.39
C ILE A 589 32.93 -1.39 7.54
N VAL A 590 32.00 -1.40 6.59
CA VAL A 590 30.85 -2.31 6.67
C VAL A 590 31.13 -3.61 5.97
N VAL A 591 31.65 -3.55 4.75
CA VAL A 591 32.08 -4.73 3.99
C VAL A 591 33.57 -4.56 3.69
N ASP A 592 34.34 -5.63 3.93
CA ASP A 592 35.76 -5.61 3.63
C ASP A 592 36.04 -6.39 2.34
N ASP A 593 37.31 -6.72 2.11
CA ASP A 593 37.72 -7.45 0.92
C ASP A 593 37.87 -8.95 1.18
N LYS A 594 37.23 -9.46 2.24
CA LYS A 594 37.45 -10.84 2.67
C LYS A 594 36.15 -11.61 2.87
N GLY A 595 35.01 -11.05 2.49
CA GLY A 595 33.74 -11.70 2.69
C GLY A 595 33.04 -11.37 3.98
N ASN A 596 33.52 -10.40 4.73
CA ASN A 596 32.95 -10.03 6.03
C ASN A 596 32.04 -8.83 5.87
N ASP A 597 31.01 -8.76 6.72
CA ASP A 597 29.97 -7.74 6.65
C ASP A 597 29.50 -7.49 8.07
N MET A 598 29.62 -6.25 8.56
CA MET A 598 29.31 -6.02 9.96
C MET A 598 27.82 -6.16 10.26
N TYR A 599 26.97 -6.33 9.25
CA TYR A 599 25.55 -6.59 9.45
C TYR A 599 25.19 -8.06 9.32
N SER A 600 26.16 -8.95 9.10
CA SER A 600 25.82 -10.34 8.81
C SER A 600 25.15 -11.03 9.99
N LYS A 601 25.48 -10.64 11.21
CA LYS A 601 24.85 -11.29 12.36
C LYS A 601 23.49 -10.67 12.69
N THR A 602 23.39 -9.33 12.69
CA THR A 602 22.15 -8.71 13.13
C THR A 602 21.09 -8.69 12.04
N LEU A 603 21.49 -8.70 10.77
CA LEU A 603 20.53 -8.64 9.66
C LEU A 603 20.50 -9.92 8.84
N ALA A 604 20.94 -11.03 9.41
CA ALA A 604 20.82 -12.33 8.75
C ALA A 604 19.35 -12.73 8.69
N ASP B 64 7.64 31.88 -12.43
CA ASP B 64 8.18 30.58 -12.83
C ASP B 64 7.39 29.43 -12.22
N PHE B 65 6.48 29.74 -11.30
CA PHE B 65 5.63 28.73 -10.69
C PHE B 65 4.52 28.32 -11.64
N HIS B 66 4.33 27.01 -11.82
CA HIS B 66 3.22 26.49 -12.61
C HIS B 66 2.60 25.31 -11.87
N PHE B 67 1.30 25.41 -11.56
CA PHE B 67 0.61 24.32 -10.91
C PHE B 67 0.20 23.27 -11.93
N SER B 68 0.49 22.01 -11.63
CA SER B 68 0.10 20.91 -12.51
C SER B 68 -0.43 19.80 -11.62
N ALA B 69 -1.75 19.56 -11.71
CA ALA B 69 -2.35 18.45 -10.99
C ALA B 69 -1.78 17.13 -11.51
N ILE B 70 -1.56 16.18 -10.60
CA ILE B 70 -1.04 14.89 -11.01
C ILE B 70 -1.99 14.20 -11.96
N PHE B 71 -3.29 14.22 -11.63
CA PHE B 71 -4.30 13.52 -12.41
C PHE B 71 -5.10 14.55 -13.22
N GLN B 72 -5.04 14.43 -14.55
CA GLN B 72 -5.72 15.35 -15.46
C GLN B 72 -6.60 14.58 -16.43
N PRO B 73 -7.64 13.91 -15.93
CA PRO B 73 -8.55 13.19 -16.83
C PRO B 73 -9.18 14.14 -17.83
N THR B 74 -9.36 13.67 -19.06
CA THR B 74 -10.12 14.47 -20.01
C THR B 74 -11.61 14.38 -19.77
N ASP B 75 -12.05 13.42 -18.96
CA ASP B 75 -13.46 13.22 -18.63
C ASP B 75 -13.60 13.16 -17.12
N PRO B 76 -13.30 14.27 -16.42
CA PRO B 76 -13.27 14.21 -14.95
C PRO B 76 -14.60 13.87 -14.32
N HIS B 77 -15.72 14.15 -14.99
CA HIS B 77 -17.04 13.87 -14.45
C HIS B 77 -17.66 12.60 -15.01
N HIS B 78 -16.90 11.83 -15.79
CA HIS B 78 -17.35 10.53 -16.28
C HIS B 78 -18.59 10.66 -17.16
N HIS B 79 -18.53 11.63 -18.08
CA HIS B 79 -19.56 11.78 -19.09
C HIS B 79 -19.64 10.54 -19.99
N GLN B 80 -18.56 9.76 -20.11
CA GLN B 80 -18.61 8.55 -20.93
C GLN B 80 -19.52 7.49 -20.34
N THR B 81 -19.96 7.64 -19.10
CA THR B 81 -20.81 6.67 -18.42
C THR B 81 -22.28 7.07 -18.54
N GLU B 82 -23.14 6.07 -18.71
CA GLU B 82 -24.60 6.27 -18.74
C GLU B 82 -25.16 6.22 -17.32
N PHE B 83 -26.01 7.19 -16.99
CA PHE B 83 -26.62 7.27 -15.66
C PHE B 83 -28.14 7.29 -15.75
N ALA B 84 -28.79 6.77 -14.72
CA ALA B 84 -30.23 6.90 -14.56
C ALA B 84 -30.50 7.73 -13.31
N LYS B 85 -31.52 8.59 -13.39
CA LYS B 85 -31.89 9.40 -12.24
C LYS B 85 -32.88 8.65 -11.36
N VAL B 86 -32.65 8.72 -10.06
CA VAL B 86 -33.59 8.15 -9.09
C VAL B 86 -34.87 8.98 -9.11
N GLU B 87 -35.99 8.32 -9.39
CA GLU B 87 -37.27 9.01 -9.55
C GLU B 87 -37.62 9.83 -8.31
N GLY B 88 -38.02 11.08 -8.54
CA GLY B 88 -38.39 11.99 -7.47
C GLY B 88 -37.25 12.49 -6.61
N SER B 89 -35.99 12.22 -6.96
CA SER B 89 -34.88 12.60 -6.10
C SER B 89 -34.54 14.08 -6.16
N GLU B 90 -35.13 14.84 -7.08
CA GLU B 90 -34.91 16.29 -7.03
C GLU B 90 -35.50 16.93 -5.79
N LYS B 91 -36.34 16.20 -5.04
CA LYS B 91 -36.86 16.74 -3.80
C LYS B 91 -35.81 16.80 -2.69
N TYR B 92 -34.69 16.08 -2.85
CA TYR B 92 -33.64 16.06 -1.84
C TYR B 92 -32.58 17.13 -2.05
N VAL B 93 -32.68 17.92 -3.12
CA VAL B 93 -31.65 18.90 -3.44
C VAL B 93 -32.31 20.23 -3.73
N GLU B 94 -31.54 21.30 -3.55
CA GLU B 94 -32.03 22.64 -3.85
C GLU B 94 -30.84 23.52 -4.18
N GLU B 95 -30.81 24.05 -5.40
N GLU B 95 -30.81 24.07 -5.39
CA GLU B 95 -29.76 25.00 -5.78
CA GLU B 95 -29.76 24.99 -5.78
C GLU B 95 -30.04 26.34 -5.14
C GLU B 95 -30.02 26.36 -5.17
N VAL B 96 -28.99 26.94 -4.57
CA VAL B 96 -29.09 28.26 -3.94
C VAL B 96 -27.88 29.07 -4.37
N GLU B 97 -27.90 30.35 -4.00
CA GLU B 97 -26.78 31.24 -4.28
C GLU B 97 -26.45 31.97 -2.99
N VAL B 98 -25.21 31.81 -2.54
CA VAL B 98 -24.72 32.48 -1.35
C VAL B 98 -23.47 33.27 -1.71
N PHE B 99 -23.43 34.53 -1.29
CA PHE B 99 -22.26 35.38 -1.49
C PHE B 99 -21.79 35.36 -2.94
N GLY B 100 -22.76 35.39 -3.86
CA GLY B 100 -22.49 35.45 -5.29
C GLY B 100 -22.10 34.15 -5.96
N ARG B 101 -22.13 33.02 -5.24
CA ARG B 101 -21.71 31.76 -5.80
C ARG B 101 -22.84 30.73 -5.76
N GLN B 102 -22.87 29.85 -6.75
CA GLN B 102 -23.89 28.80 -6.82
C GLN B 102 -23.55 27.67 -5.85
N ALA B 103 -24.54 27.26 -5.06
CA ALA B 103 -24.36 26.22 -4.06
C ALA B 103 -25.51 25.24 -4.13
N LEU B 104 -25.31 24.07 -3.52
CA LEU B 104 -26.31 23.01 -3.53
C LEU B 104 -26.57 22.55 -2.10
N LYS B 105 -27.82 22.69 -1.66
CA LYS B 105 -28.24 22.08 -0.41
C LYS B 105 -28.68 20.64 -0.71
N VAL B 106 -28.13 19.69 0.05
CA VAL B 106 -28.42 18.27 -0.13
C VAL B 106 -28.95 17.72 1.19
N ASN B 107 -30.21 17.31 1.20
CA ASN B 107 -30.74 16.52 2.30
C ASN B 107 -29.87 15.27 2.47
N PRO B 108 -29.25 15.05 3.62
CA PRO B 108 -28.36 13.87 3.76
C PRO B 108 -29.08 12.54 3.56
N GLU B 109 -30.41 12.51 3.62
CA GLU B 109 -31.12 11.29 3.28
C GLU B 109 -30.81 10.84 1.86
N ALA B 110 -30.47 11.77 0.96
CA ALA B 110 -30.05 11.41 -0.39
C ALA B 110 -28.86 10.45 -0.37
N LEU B 111 -27.92 10.66 0.56
CA LEU B 111 -26.76 9.77 0.64
C LEU B 111 -27.18 8.37 1.04
N THR B 112 -28.14 8.25 1.95
CA THR B 112 -28.64 6.95 2.35
C THR B 112 -29.31 6.24 1.19
N ILE B 113 -30.21 6.94 0.50
CA ILE B 113 -30.93 6.37 -0.65
C ILE B 113 -29.93 5.94 -1.71
N LEU B 114 -28.95 6.79 -2.01
CA LEU B 114 -27.99 6.48 -3.06
C LEU B 114 -27.13 5.27 -2.70
N ALA B 115 -26.58 5.25 -1.48
CA ALA B 115 -25.72 4.14 -1.10
C ALA B 115 -26.48 2.83 -1.06
N HIS B 116 -27.72 2.87 -0.57
CA HIS B 116 -28.55 1.67 -0.55
C HIS B 116 -28.76 1.11 -1.96
N ARG B 117 -29.11 1.97 -2.92
CA ARG B 117 -29.34 1.49 -4.28
C ARG B 117 -28.04 1.03 -4.93
N ALA B 118 -26.94 1.77 -4.71
CA ALA B 118 -25.67 1.41 -5.33
C ALA B 118 -25.21 0.03 -4.87
N PHE B 119 -25.24 -0.22 -3.56
CA PHE B 119 -24.77 -1.51 -3.04
C PHE B 119 -25.82 -2.60 -3.15
N SER B 120 -26.99 -2.30 -3.71
N SER B 120 -26.98 -2.32 -3.74
CA SER B 120 -27.96 -3.32 -4.10
CA SER B 120 -27.95 -3.34 -4.10
C SER B 120 -27.77 -3.70 -5.57
C SER B 120 -27.92 -3.70 -5.57
N ASP B 121 -27.76 -2.70 -6.45
CA ASP B 121 -27.69 -2.97 -7.89
C ASP B 121 -26.40 -3.67 -8.26
N VAL B 122 -25.29 -3.28 -7.63
CA VAL B 122 -23.98 -3.73 -8.06
C VAL B 122 -23.78 -5.24 -7.85
N HIS B 123 -24.61 -5.88 -7.03
CA HIS B 123 -24.50 -7.31 -6.81
C HIS B 123 -25.32 -8.12 -7.79
N HIS B 124 -26.02 -7.48 -8.72
CA HIS B 124 -26.86 -8.20 -9.65
C HIS B 124 -26.58 -7.90 -11.10
N PHE B 125 -25.71 -6.93 -11.41
CA PHE B 125 -25.47 -6.51 -12.78
C PHE B 125 -23.98 -6.17 -12.94
N PHE B 126 -23.54 -6.17 -14.20
CA PHE B 126 -22.14 -5.91 -14.55
C PHE B 126 -22.05 -4.82 -15.61
N ARG B 127 -20.84 -4.30 -15.78
CA ARG B 127 -20.54 -3.35 -16.85
C ARG B 127 -20.37 -4.07 -18.17
N LYS B 128 -20.54 -3.32 -19.25
CA LYS B 128 -20.39 -3.88 -20.59
C LYS B 128 -18.98 -4.40 -20.84
N ASP B 129 -17.95 -3.68 -20.37
CA ASP B 129 -16.60 -4.12 -20.70
C ASP B 129 -16.24 -5.42 -19.99
N HIS B 130 -16.86 -5.68 -18.84
CA HIS B 130 -16.68 -6.96 -18.17
C HIS B 130 -17.36 -8.09 -18.93
N LEU B 131 -18.63 -7.90 -19.30
CA LEU B 131 -19.37 -8.93 -20.01
C LEU B 131 -18.76 -9.21 -21.38
N GLU B 132 -18.33 -8.16 -22.09
CA GLU B 132 -17.69 -8.34 -23.38
C GLU B 132 -16.46 -9.24 -23.26
N GLY B 133 -15.73 -9.12 -22.15
CA GLY B 133 -14.58 -9.97 -21.95
C GLY B 133 -14.94 -11.45 -21.87
N TRP B 134 -16.05 -11.76 -21.19
CA TRP B 134 -16.48 -13.15 -21.12
C TRP B 134 -16.94 -13.65 -22.49
N ARG B 135 -17.63 -12.81 -23.25
CA ARG B 135 -18.03 -13.22 -24.59
C ARG B 135 -16.80 -13.42 -25.48
N ARG B 136 -15.81 -12.54 -25.35
CA ARG B 136 -14.57 -12.68 -26.10
C ARG B 136 -13.90 -14.03 -25.83
N ALA B 137 -13.87 -14.46 -24.56
CA ALA B 137 -13.27 -15.73 -24.22
C ALA B 137 -14.07 -16.91 -24.78
N ILE B 138 -15.37 -16.74 -24.97
CA ILE B 138 -16.17 -17.83 -25.52
C ILE B 138 -15.99 -17.92 -27.03
N GLU B 139 -15.85 -16.78 -27.70
CA GLU B 139 -15.87 -16.75 -29.15
C GLU B 139 -14.47 -16.81 -29.78
N ASP B 140 -13.43 -16.54 -29.02
CA ASP B 140 -12.07 -16.55 -29.56
C ASP B 140 -11.69 -17.97 -29.96
N PRO B 141 -11.32 -18.24 -31.21
CA PRO B 141 -10.88 -19.59 -31.59
C PRO B 141 -9.65 -20.05 -30.83
N GLU B 142 -8.80 -19.13 -30.37
CA GLU B 142 -7.59 -19.49 -29.64
C GLU B 142 -7.82 -19.69 -28.15
N ALA B 143 -9.03 -19.48 -27.65
CA ALA B 143 -9.32 -19.79 -26.25
C ALA B 143 -9.33 -21.30 -26.04
N SER B 144 -8.87 -21.73 -24.88
CA SER B 144 -8.90 -23.16 -24.56
C SER B 144 -10.32 -23.58 -24.24
N ASP B 145 -10.54 -24.90 -24.25
CA ASP B 145 -11.83 -25.44 -23.83
C ASP B 145 -12.18 -24.98 -22.42
N ASN B 146 -11.18 -24.98 -21.52
CA ASN B 146 -11.43 -24.53 -20.16
C ASN B 146 -11.73 -23.03 -20.10
N ASP B 147 -11.09 -22.23 -20.95
CA ASP B 147 -11.44 -20.81 -21.05
C ASP B 147 -12.94 -20.64 -21.33
N ARG B 148 -13.43 -21.33 -22.37
CA ARG B 148 -14.83 -21.19 -22.77
C ARG B 148 -15.77 -21.72 -21.70
N TYR B 149 -15.40 -22.83 -21.07
CA TYR B 149 -16.24 -23.42 -20.03
C TYR B 149 -16.40 -22.46 -18.85
N VAL B 150 -15.29 -21.88 -18.38
CA VAL B 150 -15.34 -20.96 -17.24
C VAL B 150 -16.12 -19.71 -17.60
N ALA B 151 -15.83 -19.12 -18.78
CA ALA B 151 -16.53 -17.90 -19.17
C ALA B 151 -18.01 -18.14 -19.36
N THR B 152 -18.39 -19.27 -19.95
CA THR B 152 -19.81 -19.60 -20.08
C THR B 152 -20.47 -19.71 -18.72
N THR B 153 -19.79 -20.38 -17.77
CA THR B 153 -20.33 -20.53 -16.43
C THR B 153 -20.54 -19.18 -15.75
N LEU B 154 -19.54 -18.30 -15.85
CA LEU B 154 -19.66 -16.98 -15.23
C LEU B 154 -20.78 -16.16 -15.86
N LEU B 155 -20.93 -16.25 -17.19
CA LEU B 155 -21.98 -15.51 -17.87
C LEU B 155 -23.37 -16.03 -17.48
N LYS B 156 -23.52 -17.35 -17.35
CA LYS B 156 -24.77 -17.91 -16.86
C LYS B 156 -25.02 -17.52 -15.42
N ASN B 157 -23.96 -17.47 -14.61
CA ASN B 157 -24.09 -16.98 -13.24
C ASN B 157 -24.61 -15.55 -13.23
N ALA B 158 -24.10 -14.71 -14.12
CA ALA B 158 -24.58 -13.33 -14.21
C ALA B 158 -26.06 -13.27 -14.59
N CYS B 159 -26.51 -14.22 -15.42
CA CYS B 159 -27.93 -14.26 -15.77
C CYS B 159 -28.79 -14.55 -14.56
N ILE B 160 -28.35 -15.46 -13.67
CA ILE B 160 -29.08 -15.74 -12.44
C ILE B 160 -29.09 -14.50 -11.55
N ALA B 161 -27.93 -13.86 -11.38
CA ALA B 161 -27.83 -12.69 -10.50
C ALA B 161 -28.73 -11.56 -10.98
N ALA B 162 -28.92 -11.45 -12.30
CA ALA B 162 -29.78 -10.39 -12.84
C ALA B 162 -31.24 -10.55 -12.40
N GLY B 163 -31.62 -11.73 -11.89
CA GLY B 163 -32.94 -11.91 -11.31
C GLY B 163 -33.17 -11.16 -10.01
N ARG B 164 -32.14 -10.51 -9.48
CA ARG B 164 -32.21 -9.60 -8.34
C ARG B 164 -32.48 -10.29 -7.00
N VAL B 165 -32.37 -11.62 -6.93
CA VAL B 165 -32.53 -12.35 -5.67
C VAL B 165 -31.18 -12.80 -5.13
N LEU B 166 -30.40 -13.53 -5.93
CA LEU B 166 -29.09 -14.02 -5.53
C LEU B 166 -28.02 -13.05 -5.98
N PRO B 167 -27.07 -12.69 -5.12
CA PRO B 167 -25.94 -11.87 -5.57
C PRO B 167 -24.99 -12.71 -6.42
N SER B 168 -24.26 -12.02 -7.29
CA SER B 168 -23.39 -12.70 -8.23
C SER B 168 -22.30 -13.51 -7.52
N CYS B 169 -21.85 -13.09 -6.34
CA CYS B 169 -20.87 -13.83 -5.58
C CYS B 169 -21.28 -13.93 -4.12
N GLN B 170 -20.88 -15.02 -3.45
CA GLN B 170 -21.15 -15.12 -2.02
C GLN B 170 -20.37 -14.06 -1.24
N ASP B 171 -19.20 -13.67 -1.73
CA ASP B 171 -18.43 -12.60 -1.08
C ASP B 171 -18.98 -11.28 -1.61
N THR B 172 -19.97 -10.74 -0.91
CA THR B 172 -20.54 -9.46 -1.29
C THR B 172 -19.64 -8.30 -0.88
N GLY B 173 -18.46 -8.58 -0.32
CA GLY B 173 -17.36 -7.64 -0.33
C GLY B 173 -17.38 -6.64 0.82
N THR B 174 -16.30 -5.86 0.85
CA THR B 174 -16.23 -4.66 1.68
C THR B 174 -16.87 -3.50 0.93
N ALA B 175 -17.67 -2.71 1.65
CA ALA B 175 -18.29 -1.53 1.05
C ALA B 175 -17.29 -0.37 1.09
N ILE B 176 -16.91 0.11 -0.09
CA ILE B 176 -15.96 1.22 -0.25
C ILE B 176 -16.67 2.37 -0.93
N VAL B 177 -16.52 3.57 -0.38
CA VAL B 177 -17.08 4.78 -0.97
C VAL B 177 -15.95 5.76 -1.19
N LEU B 178 -15.73 6.13 -2.44
CA LEU B 178 -14.96 7.32 -2.78
C LEU B 178 -15.97 8.42 -3.07
N GLY B 179 -15.97 9.46 -2.26
CA GLY B 179 -16.89 10.58 -2.43
C GLY B 179 -16.12 11.86 -2.64
N LYS B 180 -16.65 12.73 -3.49
CA LYS B 180 -16.00 14.02 -3.77
C LYS B 180 -17.05 15.12 -3.54
N ARG B 181 -16.99 15.75 -2.39
CA ARG B 181 -17.96 16.78 -2.00
C ARG B 181 -17.44 18.16 -2.39
N GLY B 182 -18.19 18.84 -3.25
CA GLY B 182 -17.80 20.18 -3.66
C GLY B 182 -17.78 21.15 -2.50
N GLU B 183 -16.91 22.17 -2.62
CA GLU B 183 -16.79 23.20 -1.60
C GLU B 183 -18.15 23.77 -1.20
N LEU B 184 -19.06 23.90 -2.17
CA LEU B 184 -20.36 24.50 -1.94
C LEU B 184 -21.50 23.48 -2.01
N CYS B 185 -21.19 22.21 -1.78
CA CYS B 185 -22.20 21.17 -1.62
C CYS B 185 -22.40 20.96 -0.12
N TRP B 186 -23.60 21.28 0.36
CA TRP B 186 -23.89 21.29 1.79
C TRP B 186 -24.85 20.17 2.16
N THR B 187 -24.35 19.23 2.95
CA THR B 187 -25.08 18.05 3.39
C THR B 187 -25.52 18.08 4.84
N GLY B 188 -25.08 19.06 5.62
CA GLY B 188 -25.17 19.00 7.06
C GLY B 188 -23.96 18.36 7.71
N GLY B 189 -23.12 17.66 6.94
CA GLY B 189 -21.84 17.21 7.41
C GLY B 189 -21.79 15.81 7.99
N GLU B 190 -22.93 15.15 8.16
CA GLU B 190 -22.97 13.79 8.70
C GLU B 190 -22.91 12.72 7.62
N ASP B 191 -22.12 12.99 6.56
CA ASP B 191 -22.11 12.13 5.39
C ASP B 191 -21.79 10.69 5.74
N GLU B 192 -20.83 10.47 6.63
CA GLU B 192 -20.39 9.10 6.91
C GLU B 192 -21.50 8.29 7.56
N LYS B 193 -22.25 8.89 8.47
CA LYS B 193 -23.37 8.19 9.10
C LYS B 193 -24.45 7.86 8.07
N TYR B 194 -24.84 8.83 7.25
CA TYR B 194 -25.94 8.60 6.31
C TYR B 194 -25.52 7.63 5.21
N LEU B 195 -24.27 7.70 4.75
CA LEU B 195 -23.77 6.71 3.82
C LEU B 195 -23.77 5.32 4.45
N SER B 196 -23.30 5.22 5.70
CA SER B 196 -23.24 3.93 6.38
C SER B 196 -24.63 3.35 6.59
N LYS B 197 -25.63 4.21 6.84
CA LYS B 197 -26.99 3.71 6.98
C LYS B 197 -27.48 3.11 5.67
N GLY B 198 -27.17 3.75 4.54
CA GLY B 198 -27.57 3.20 3.25
C GLY B 198 -26.90 1.87 2.97
N ILE B 199 -25.62 1.76 3.32
CA ILE B 199 -24.90 0.50 3.17
C ILE B 199 -25.48 -0.55 4.12
N TRP B 200 -25.75 -0.16 5.36
CA TRP B 200 -26.38 -1.07 6.32
C TRP B 200 -27.69 -1.61 5.75
N ASN B 201 -28.50 -0.72 5.16
CA ASN B 201 -29.76 -1.11 4.53
C ASN B 201 -29.54 -2.13 3.42
N ALA B 202 -28.56 -1.88 2.55
CA ALA B 202 -28.31 -2.78 1.43
C ALA B 202 -27.99 -4.19 1.92
N TYR B 203 -27.13 -4.30 2.93
CA TYR B 203 -26.71 -5.62 3.38
C TYR B 203 -27.73 -6.25 4.32
N ARG B 204 -28.53 -5.45 5.01
CA ARG B 204 -29.50 -6.03 5.94
C ARG B 204 -30.75 -6.55 5.22
N TYR B 205 -31.24 -5.80 4.25
CA TYR B 205 -32.54 -6.10 3.65
C TYR B 205 -32.43 -6.82 2.32
N HIS B 206 -31.25 -7.29 1.94
CA HIS B 206 -31.05 -8.06 0.73
C HIS B 206 -30.26 -9.31 1.09
N ASN B 207 -30.20 -10.25 0.14
CA ASN B 207 -29.58 -11.54 0.39
C ASN B 207 -28.07 -11.49 0.22
N LEU B 208 -27.43 -10.58 0.94
CA LEU B 208 -25.99 -10.42 0.86
C LEU B 208 -25.33 -11.16 2.04
N ARG B 209 -24.12 -10.75 2.40
CA ARG B 209 -23.35 -11.43 3.45
C ARG B 209 -22.67 -10.40 4.34
N TYR B 210 -22.56 -10.73 5.62
CA TYR B 210 -21.84 -9.90 6.59
C TYR B 210 -20.40 -10.41 6.69
N SER B 211 -19.46 -9.67 6.08
CA SER B 211 -18.09 -10.16 5.91
C SER B 211 -17.07 -9.45 6.80
N GLN B 212 -17.47 -8.46 7.59
CA GLN B 212 -16.49 -7.67 8.33
C GLN B 212 -16.25 -8.27 9.70
N THR B 213 -14.97 -8.31 10.08
CA THR B 213 -14.51 -8.97 11.31
C THR B 213 -13.91 -7.91 12.21
N ALA B 214 -14.54 -7.72 13.37
CA ALA B 214 -14.09 -6.74 14.35
C ALA B 214 -13.07 -7.39 15.29
N ALA B 215 -12.06 -6.62 15.68
CA ALA B 215 -11.06 -7.09 16.62
C ALA B 215 -11.41 -6.53 18.00
N LEU B 216 -11.82 -7.42 18.91
CA LEU B 216 -12.10 -7.00 20.28
C LEU B 216 -10.80 -6.73 21.03
N ASP B 217 -9.78 -7.54 20.80
CA ASP B 217 -8.40 -7.18 21.13
C ASP B 217 -7.56 -7.63 19.95
N MET B 218 -6.24 -7.75 20.14
CA MET B 218 -5.35 -8.06 19.01
C MET B 218 -5.76 -9.35 18.31
N PHE B 219 -6.23 -10.35 19.05
CA PHE B 219 -6.52 -11.65 18.47
C PHE B 219 -7.98 -12.11 18.61
N LYS B 220 -8.73 -11.58 19.58
CA LYS B 220 -10.11 -11.99 19.76
C LYS B 220 -11.00 -11.22 18.79
N GLU B 221 -11.77 -11.95 17.98
CA GLU B 221 -12.53 -11.36 16.88
C GLU B 221 -13.99 -11.78 16.93
N CYS B 222 -14.84 -10.96 16.33
CA CYS B 222 -16.24 -11.32 16.11
C CYS B 222 -16.71 -10.65 14.82
N ASN B 223 -17.69 -11.28 14.17
CA ASN B 223 -18.32 -10.66 13.01
C ASN B 223 -19.17 -9.48 13.48
N THR B 224 -19.11 -8.38 12.72
CA THR B 224 -19.91 -7.21 13.10
C THR B 224 -21.40 -7.45 12.84
N GLY B 225 -21.74 -8.46 12.04
CA GLY B 225 -23.13 -8.81 11.80
C GLY B 225 -23.88 -7.89 10.88
N ASP B 226 -23.23 -6.92 10.27
CA ASP B 226 -23.92 -6.02 9.37
C ASP B 226 -23.08 -5.48 8.19
N ASN B 227 -21.94 -6.08 7.93
CA ASN B 227 -21.03 -5.63 6.91
C ASN B 227 -20.45 -4.22 7.08
N LEU B 228 -20.55 -3.65 8.27
CA LEU B 228 -19.88 -2.43 8.62
C LEU B 228 -18.64 -2.74 9.46
N PRO B 229 -17.67 -1.86 9.55
CA PRO B 229 -17.58 -0.54 8.92
C PRO B 229 -17.26 -0.57 7.44
N ALA B 230 -17.68 0.48 6.76
CA ALA B 230 -17.29 0.73 5.38
C ALA B 230 -15.99 1.53 5.34
N GLN B 231 -15.38 1.53 4.16
CA GLN B 231 -14.26 2.44 3.89
C GLN B 231 -14.84 3.67 3.22
N LEU B 232 -14.77 4.81 3.89
CA LEU B 232 -15.41 6.05 3.45
C LEU B 232 -14.33 7.10 3.22
N ASP B 233 -13.94 7.27 1.95
CA ASP B 233 -12.90 8.21 1.57
C ASP B 233 -13.60 9.40 0.93
N LEU B 234 -13.87 10.43 1.74
CA LEU B 234 -14.62 11.61 1.30
C LEU B 234 -13.66 12.77 1.11
N LEU B 235 -13.54 13.24 -0.13
CA LEU B 235 -12.60 14.29 -0.52
C LEU B 235 -13.29 15.63 -0.70
N ALA B 236 -12.54 16.71 -0.44
CA ALA B 236 -12.99 18.07 -0.67
C ALA B 236 -12.50 18.54 -2.04
N VAL B 237 -13.42 18.95 -2.91
CA VAL B 237 -13.11 19.29 -4.30
C VAL B 237 -13.83 20.59 -4.66
N PRO B 238 -13.52 21.21 -5.81
CA PRO B 238 -14.24 22.43 -6.20
C PRO B 238 -15.69 22.14 -6.55
N GLY B 239 -16.48 23.20 -6.57
CA GLY B 239 -17.82 23.14 -7.12
C GLY B 239 -18.90 22.93 -6.07
N SER B 240 -20.08 22.52 -6.55
CA SER B 240 -21.23 22.34 -5.68
C SER B 240 -21.92 21.00 -5.85
N ASP B 241 -21.29 20.04 -6.51
CA ASP B 241 -21.89 18.72 -6.68
C ASP B 241 -21.26 17.75 -5.69
N TYR B 242 -21.74 16.50 -5.74
CA TYR B 242 -21.23 15.40 -4.93
C TYR B 242 -21.07 14.20 -5.86
N GLU B 243 -19.83 13.77 -6.10
CA GLU B 243 -19.54 12.70 -7.03
C GLU B 243 -18.98 11.49 -6.29
N PHE B 244 -19.30 10.29 -6.80
CA PHE B 244 -19.02 9.06 -6.06
C PHE B 244 -18.50 7.97 -6.98
N LEU B 245 -17.66 7.12 -6.40
CA LEU B 245 -17.42 5.77 -6.93
C LEU B 245 -17.66 4.81 -5.78
N PHE B 246 -18.63 3.91 -5.94
CA PHE B 246 -18.92 2.88 -4.97
C PHE B 246 -18.28 1.58 -5.43
N ILE B 247 -17.60 0.89 -4.53
CA ILE B 247 -16.98 -0.39 -4.85
C ILE B 247 -17.42 -1.41 -3.82
N ALA B 248 -17.91 -2.55 -4.29
CA ALA B 248 -18.14 -3.73 -3.44
C ALA B 248 -16.99 -4.68 -3.69
N LYS B 249 -15.95 -4.59 -2.85
CA LYS B 249 -14.66 -5.21 -3.11
C LYS B 249 -14.55 -6.56 -2.40
N GLY B 250 -14.43 -7.63 -3.18
CA GLY B 250 -14.24 -8.94 -2.57
C GLY B 250 -12.93 -9.02 -1.82
N GLY B 251 -12.94 -9.81 -0.74
CA GLY B 251 -11.72 -9.98 0.04
C GLY B 251 -10.61 -10.65 -0.75
N GLY B 252 -10.97 -11.64 -1.57
CA GLY B 252 -9.95 -12.38 -2.30
C GLY B 252 -9.22 -11.52 -3.33
N SER B 253 -9.95 -10.66 -4.05
CA SER B 253 -9.31 -9.76 -4.99
C SER B 253 -8.66 -8.57 -4.29
N ALA B 254 -9.20 -8.15 -3.14
CA ALA B 254 -8.49 -7.18 -2.32
C ALA B 254 -7.14 -7.73 -1.88
N ASN B 255 -7.06 -9.05 -1.65
CA ASN B 255 -5.81 -9.66 -1.22
C ASN B 255 -4.77 -9.67 -2.34
N LYS B 256 -5.19 -9.54 -3.58
CA LYS B 256 -4.27 -9.47 -4.72
C LYS B 256 -3.96 -8.03 -5.08
N ALA B 257 -3.77 -7.18 -4.08
CA ALA B 257 -3.24 -5.84 -4.25
C ALA B 257 -1.85 -5.85 -3.63
N TYR B 258 -0.83 -5.72 -4.47
CA TYR B 258 0.56 -5.90 -4.05
C TYR B 258 1.33 -4.61 -4.23
N LEU B 259 2.23 -4.33 -3.28
CA LEU B 259 3.13 -3.18 -3.30
C LEU B 259 4.57 -3.66 -3.40
N TYR B 260 5.30 -3.12 -4.37
CA TYR B 260 6.73 -3.41 -4.52
C TYR B 260 7.52 -2.12 -4.37
N GLN B 261 8.67 -2.21 -3.69
CA GLN B 261 9.58 -1.07 -3.54
C GLN B 261 10.76 -1.30 -4.46
N GLU B 262 10.75 -0.63 -5.62
CA GLU B 262 11.73 -0.86 -6.66
C GLU B 262 12.66 0.35 -6.79
N THR B 263 13.49 0.34 -7.82
CA THR B 263 14.51 1.36 -8.02
C THR B 263 14.58 1.74 -9.50
N LYS B 264 15.42 2.73 -9.79
CA LYS B 264 15.69 3.13 -11.16
C LYS B 264 16.18 1.97 -12.01
N ALA B 265 16.80 0.96 -11.39
CA ALA B 265 17.29 -0.20 -12.15
C ALA B 265 16.16 -0.98 -12.81
N LEU B 266 14.93 -0.81 -12.34
CA LEU B 266 13.77 -1.41 -13.00
C LEU B 266 13.37 -0.69 -14.28
N LEU B 267 13.71 0.59 -14.40
CA LEU B 267 13.09 1.48 -15.39
C LEU B 267 13.84 1.42 -16.73
N ASN B 268 13.78 0.24 -17.33
CA ASN B 268 14.23 0.04 -18.71
C ASN B 268 13.38 -1.08 -19.31
N PRO B 269 13.28 -1.15 -20.65
CA PRO B 269 12.34 -2.10 -21.26
C PRO B 269 12.56 -3.56 -20.87
N LYS B 270 13.81 -4.03 -20.86
CA LYS B 270 14.07 -5.43 -20.55
C LYS B 270 13.71 -5.76 -19.10
N SER B 271 14.14 -4.91 -18.15
CA SER B 271 13.86 -5.19 -16.75
C SER B 271 12.37 -5.10 -16.44
N LEU B 272 11.68 -4.10 -16.99
CA LEU B 272 10.26 -3.96 -16.72
C LEU B 272 9.48 -5.16 -17.27
N ARG B 273 9.85 -5.62 -18.47
CA ARG B 273 9.14 -6.77 -19.04
C ARG B 273 9.31 -8.00 -18.17
N ALA B 274 10.54 -8.28 -17.74
CA ALA B 274 10.78 -9.44 -16.88
C ALA B 274 10.04 -9.30 -15.56
N PHE B 275 10.00 -8.09 -15.00
CA PHE B 275 9.29 -7.85 -13.76
C PHE B 275 7.81 -8.20 -13.90
N ILE B 276 7.19 -7.77 -15.00
CA ILE B 276 5.77 -8.02 -15.21
C ILE B 276 5.51 -9.52 -15.35
N GLU B 277 6.31 -10.21 -16.15
CA GLU B 277 6.17 -11.66 -16.27
C GLU B 277 6.24 -12.35 -14.92
N GLU B 278 7.20 -11.92 -14.08
CA GLU B 278 7.36 -12.53 -12.76
C GLU B 278 6.18 -12.22 -11.85
N LYS B 279 5.72 -10.97 -11.82
CA LYS B 279 4.70 -10.64 -10.84
C LYS B 279 3.32 -11.15 -11.24
N LEU B 280 3.01 -11.20 -12.55
CA LEU B 280 1.67 -11.64 -12.95
C LEU B 280 1.38 -13.04 -12.45
N LYS B 281 2.39 -13.93 -12.48
CA LYS B 281 2.22 -15.30 -11.98
C LYS B 281 1.86 -15.34 -10.50
N THR B 282 2.35 -14.38 -9.71
CA THR B 282 2.05 -14.39 -8.29
C THR B 282 0.61 -14.03 -8.00
N LEU B 283 -0.11 -13.45 -8.99
CA LEU B 283 -1.55 -13.29 -8.83
C LEU B 283 -2.25 -14.65 -8.84
N GLY B 284 -1.71 -15.63 -9.56
CA GLY B 284 -2.30 -16.94 -9.68
C GLY B 284 -3.75 -16.88 -10.12
N THR B 285 -4.51 -17.91 -9.75
CA THR B 285 -5.94 -17.97 -10.01
C THR B 285 -6.77 -17.72 -8.76
N ALA B 286 -6.15 -17.24 -7.68
CA ALA B 286 -6.79 -17.15 -6.37
C ALA B 286 -7.78 -16.01 -6.24
N ALA B 287 -7.89 -15.13 -7.25
CA ALA B 287 -8.89 -14.08 -7.23
C ALA B 287 -9.84 -14.19 -8.43
N CYS B 288 -10.10 -15.41 -8.90
CA CYS B 288 -11.12 -15.72 -9.90
C CYS B 288 -10.95 -14.94 -11.20
N PRO B 289 -9.88 -15.18 -11.96
CA PRO B 289 -9.74 -14.55 -13.28
C PRO B 289 -10.82 -15.05 -14.22
N PRO B 290 -10.99 -14.44 -15.40
CA PRO B 290 -10.25 -13.34 -16.05
C PRO B 290 -10.18 -12.05 -15.23
N TYR B 291 -8.99 -11.46 -15.18
CA TYR B 291 -8.72 -10.27 -14.38
C TYR B 291 -8.79 -9.01 -15.22
N HIS B 292 -9.25 -7.92 -14.60
CA HIS B 292 -8.85 -6.58 -15.01
C HIS B 292 -7.55 -6.31 -14.26
N ILE B 293 -6.42 -6.28 -14.97
CA ILE B 293 -5.11 -6.13 -14.34
C ILE B 293 -4.71 -4.66 -14.37
N ALA B 294 -4.37 -4.11 -13.21
CA ALA B 294 -3.87 -2.76 -13.12
C ALA B 294 -2.45 -2.76 -12.58
N LEU B 295 -1.60 -1.91 -13.17
CA LEU B 295 -0.20 -1.79 -12.82
C LEU B 295 0.15 -0.31 -12.71
N VAL B 296 0.72 0.09 -11.58
CA VAL B 296 1.10 1.48 -11.37
C VAL B 296 2.59 1.55 -11.10
N ILE B 297 3.32 2.28 -11.94
CA ILE B 297 4.76 2.45 -11.83
C ILE B 297 5.01 3.86 -11.32
N GLY B 298 5.53 3.96 -10.09
CA GLY B 298 5.81 5.24 -9.46
C GLY B 298 4.72 5.62 -8.47
N GLY B 299 4.83 6.85 -8.00
CA GLY B 299 3.88 7.39 -7.03
C GLY B 299 4.58 8.21 -5.97
N THR B 300 3.81 9.10 -5.34
CA THR B 300 4.37 10.00 -4.32
C THR B 300 4.49 9.35 -2.96
N SER B 301 3.87 8.18 -2.76
CA SER B 301 4.00 7.39 -1.54
C SER B 301 3.38 6.02 -1.80
N ALA B 302 3.71 5.06 -0.94
CA ALA B 302 3.14 3.73 -1.07
C ALA B 302 1.62 3.77 -1.10
N GLU B 303 1.02 4.52 -0.18
CA GLU B 303 -0.45 4.54 -0.10
C GLU B 303 -1.05 5.23 -1.33
N MET B 304 -0.36 6.22 -1.88
CA MET B 304 -0.86 6.85 -3.10
C MET B 304 -0.75 5.90 -4.29
N THR B 305 0.35 5.16 -4.37
CA THR B 305 0.49 4.16 -5.43
C THR B 305 -0.63 3.11 -5.34
N MET B 306 -0.94 2.62 -4.13
CA MET B 306 -1.95 1.58 -3.98
C MET B 306 -3.36 2.10 -4.20
N LYS B 307 -3.64 3.34 -3.81
CA LYS B 307 -4.93 3.93 -4.17
C LYS B 307 -5.06 4.08 -5.67
N THR B 308 -3.98 4.46 -6.35
CA THR B 308 -4.05 4.63 -7.80
C THR B 308 -4.30 3.30 -8.50
N VAL B 309 -3.65 2.22 -8.05
CA VAL B 309 -3.82 0.94 -8.72
C VAL B 309 -5.22 0.39 -8.47
N LYS B 310 -5.79 0.63 -7.29
CA LYS B 310 -7.19 0.27 -7.05
C LYS B 310 -8.09 0.96 -8.06
N LEU B 311 -7.98 2.30 -8.15
CA LEU B 311 -8.85 3.07 -9.02
C LEU B 311 -8.63 2.72 -10.49
N ALA B 312 -7.38 2.44 -10.86
CA ALA B 312 -7.12 2.02 -12.24
C ALA B 312 -7.87 0.73 -12.55
N SER B 313 -7.89 -0.21 -11.61
CA SER B 313 -8.56 -1.48 -11.84
C SER B 313 -10.06 -1.32 -11.99
N CYS B 314 -10.62 -0.24 -11.43
CA CYS B 314 -12.03 0.10 -11.60
C CYS B 314 -12.28 0.95 -12.85
N ARG B 315 -11.24 1.13 -13.68
CA ARG B 315 -11.32 1.94 -14.90
C ARG B 315 -11.71 3.38 -14.60
N TYR B 316 -11.40 3.83 -13.37
CA TYR B 316 -11.70 5.19 -12.95
C TYR B 316 -10.79 6.21 -13.65
N TYR B 317 -9.59 5.81 -14.07
CA TYR B 317 -8.62 6.71 -14.68
C TYR B 317 -8.50 6.51 -16.19
N ASP B 318 -9.54 5.99 -16.84
CA ASP B 318 -9.39 5.62 -18.25
C ASP B 318 -9.16 6.82 -19.14
N SER B 319 -9.61 8.00 -18.75
CA SER B 319 -9.50 9.17 -19.61
C SER B 319 -8.25 10.02 -19.31
N LEU B 320 -7.29 9.46 -18.56
CA LEU B 320 -6.04 10.16 -18.32
C LEU B 320 -5.31 10.40 -19.63
N PRO B 321 -4.41 11.40 -19.68
CA PRO B 321 -3.56 11.55 -20.86
C PRO B 321 -2.69 10.31 -21.05
N THR B 322 -2.13 10.18 -22.25
CA THR B 322 -1.27 9.05 -22.56
C THR B 322 0.19 9.46 -22.74
N THR B 323 0.54 10.69 -22.38
CA THR B 323 1.92 11.15 -22.42
C THR B 323 2.22 11.94 -21.14
N GLY B 324 3.48 11.88 -20.70
CA GLY B 324 3.93 12.67 -19.58
C GLY B 324 4.41 14.04 -20.00
N ASP B 325 4.83 14.82 -19.01
CA ASP B 325 5.40 16.14 -19.28
C ASP B 325 6.37 16.51 -18.15
N LYS B 326 7.01 17.67 -18.30
CA LYS B 326 8.04 18.09 -17.35
C LYS B 326 7.49 18.42 -15.98
N TYR B 327 6.17 18.47 -15.81
CA TYR B 327 5.57 18.73 -14.51
C TYR B 327 5.18 17.46 -13.76
N GLY B 328 5.37 16.29 -14.37
CA GLY B 328 5.15 15.04 -13.66
C GLY B 328 3.73 14.53 -13.65
N ARG B 329 2.90 14.92 -14.60
CA ARG B 329 1.52 14.46 -14.61
C ARG B 329 1.45 12.95 -14.83
N ALA B 330 0.44 12.34 -14.24
CA ALA B 330 0.16 10.93 -14.49
C ALA B 330 -0.27 10.70 -15.94
N PHE B 331 -0.02 9.50 -16.43
CA PHE B 331 -0.56 9.14 -17.74
C PHE B 331 -0.75 7.64 -17.83
N ARG B 332 -1.75 7.24 -18.62
CA ARG B 332 -1.91 5.86 -19.05
C ARG B 332 -0.89 5.57 -20.13
N ASP B 333 -0.36 4.33 -20.14
CA ASP B 333 0.63 3.92 -21.14
C ASP B 333 0.04 2.78 -21.96
N PRO B 334 -0.61 3.09 -23.08
CA PRO B 334 -1.22 2.01 -23.88
C PRO B 334 -0.22 0.99 -24.40
N GLU B 335 1.03 1.40 -24.65
CA GLU B 335 2.03 0.44 -25.12
C GLU B 335 2.28 -0.64 -24.07
N TRP B 336 2.44 -0.24 -22.81
CA TRP B 336 2.70 -1.24 -21.78
C TRP B 336 1.44 -1.96 -21.33
N GLU B 337 0.25 -1.36 -21.54
CA GLU B 337 -0.97 -2.13 -21.38
C GLU B 337 -1.01 -3.30 -22.36
N LYS B 338 -0.62 -3.07 -23.62
CA LYS B 338 -0.56 -4.16 -24.58
C LYS B 338 0.45 -5.21 -24.15
N ILE B 339 1.61 -4.79 -23.64
CA ILE B 339 2.63 -5.74 -23.19
C ILE B 339 2.11 -6.57 -22.01
N VAL B 340 1.41 -5.93 -21.07
CA VAL B 340 0.82 -6.67 -19.97
C VAL B 340 -0.13 -7.73 -20.50
N MET B 341 -0.97 -7.37 -21.49
CA MET B 341 -1.91 -8.31 -22.07
C MET B 341 -1.19 -9.43 -22.80
N GLU B 342 -0.09 -9.10 -23.49
CA GLU B 342 0.70 -10.13 -24.17
C GLU B 342 1.28 -11.13 -23.16
N VAL B 343 1.81 -10.63 -22.05
CA VAL B 343 2.33 -11.50 -21.00
C VAL B 343 1.22 -12.38 -20.42
N ALA B 344 0.05 -11.78 -20.16
CA ALA B 344 -1.06 -12.52 -19.59
C ALA B 344 -1.50 -13.65 -20.51
N GLN B 345 -1.61 -13.36 -21.81
CA GLN B 345 -2.07 -14.37 -22.75
C GLN B 345 -1.02 -15.47 -22.93
N LYS B 346 0.22 -15.08 -23.16
CA LYS B 346 1.28 -16.07 -23.36
C LYS B 346 1.60 -16.85 -22.09
N SER B 347 1.14 -16.41 -20.92
CA SER B 347 1.40 -17.14 -19.68
C SER B 347 0.78 -18.53 -19.69
N GLY B 348 -0.28 -18.73 -20.47
CA GLY B 348 -1.00 -19.98 -20.44
C GLY B 348 -1.84 -20.23 -19.20
N ILE B 349 -1.88 -19.28 -18.26
CA ILE B 349 -2.66 -19.51 -17.04
C ILE B 349 -4.15 -19.59 -17.35
N GLY B 350 -4.64 -18.74 -18.24
CA GLY B 350 -5.99 -18.81 -18.71
C GLY B 350 -7.03 -18.37 -17.69
N ALA B 351 -8.29 -18.57 -18.08
CA ALA B 351 -9.42 -18.26 -17.21
C ALA B 351 -9.58 -19.37 -16.17
N GLN B 352 -8.65 -19.37 -15.20
CA GLN B 352 -8.64 -20.23 -14.02
C GLN B 352 -8.02 -21.60 -14.23
N PHE B 353 -8.17 -22.21 -15.42
CA PHE B 353 -7.74 -23.60 -15.58
C PHE B 353 -6.98 -23.80 -16.89
N GLY B 354 -6.10 -22.87 -17.24
CA GLY B 354 -5.24 -23.02 -18.40
C GLY B 354 -5.85 -22.47 -19.67
N GLY B 355 -5.11 -21.62 -20.36
CA GLY B 355 -5.57 -21.09 -21.64
C GLY B 355 -5.04 -19.69 -21.87
N LYS B 356 -5.84 -18.91 -22.60
CA LYS B 356 -5.44 -17.58 -23.05
C LYS B 356 -6.03 -16.45 -22.20
N TYR B 357 -7.13 -16.69 -21.50
CA TYR B 357 -7.89 -15.57 -20.94
C TYR B 357 -7.63 -15.38 -19.45
N PHE B 358 -6.35 -15.30 -19.11
CA PHE B 358 -5.95 -14.84 -17.78
C PHE B 358 -6.49 -13.44 -17.49
N ALA B 359 -6.61 -12.58 -18.51
CA ALA B 359 -6.98 -11.18 -18.30
C ALA B 359 -8.03 -10.70 -19.30
N HIS B 360 -8.99 -9.92 -18.81
CA HIS B 360 -9.91 -9.18 -19.68
C HIS B 360 -9.19 -8.08 -20.44
N GLN B 361 -8.45 -7.25 -19.70
CA GLN B 361 -7.85 -6.01 -20.18
C GLN B 361 -6.84 -5.56 -19.13
N ALA B 362 -6.06 -4.54 -19.47
CA ALA B 362 -5.02 -4.05 -18.59
C ALA B 362 -5.05 -2.53 -18.55
N ARG B 363 -4.68 -1.99 -17.39
CA ARG B 363 -4.47 -0.56 -17.20
C ARG B 363 -3.08 -0.34 -16.62
N VAL B 364 -2.30 0.52 -17.25
CA VAL B 364 -0.96 0.85 -16.78
C VAL B 364 -0.89 2.36 -16.61
N ILE B 365 -0.60 2.81 -15.40
CA ILE B 365 -0.48 4.24 -15.10
C ILE B 365 0.94 4.51 -14.63
N ARG B 366 1.60 5.48 -15.27
CA ARG B 366 2.92 5.92 -14.85
C ARG B 366 2.79 7.19 -14.02
N LEU B 367 3.44 7.20 -12.86
CA LEU B 367 3.35 8.29 -11.90
C LEU B 367 4.71 8.94 -11.69
N PRO B 368 4.75 10.18 -11.22
CA PRO B 368 6.02 10.77 -10.80
C PRO B 368 6.54 10.06 -9.55
N ARG B 369 7.81 10.31 -9.24
CA ARG B 369 8.44 9.66 -8.09
C ARG B 369 9.56 10.54 -7.54
N HIS B 370 9.75 10.45 -6.23
CA HIS B 370 10.98 10.94 -5.63
C HIS B 370 12.17 10.21 -6.26
N GLY B 371 13.25 10.95 -6.51
CA GLY B 371 14.43 10.36 -7.16
C GLY B 371 14.95 9.11 -6.47
N ALA B 372 14.81 9.04 -5.14
CA ALA B 372 15.28 7.87 -4.40
C ALA B 372 14.28 6.72 -4.39
N SER B 373 13.09 6.89 -4.98
CA SER B 373 11.98 5.97 -4.74
C SER B 373 11.38 5.49 -6.06
N CYS B 374 10.83 4.29 -6.03
CA CYS B 374 10.01 3.77 -7.13
C CYS B 374 9.04 2.74 -6.60
N PRO B 375 7.99 3.19 -5.93
CA PRO B 375 6.93 2.26 -5.52
C PRO B 375 6.21 1.74 -6.75
N VAL B 376 5.75 0.49 -6.67
CA VAL B 376 5.05 -0.16 -7.79
C VAL B 376 3.84 -0.90 -7.23
N GLY B 377 2.69 -0.71 -7.85
CA GLY B 377 1.45 -1.35 -7.41
C GLY B 377 0.89 -2.28 -8.46
N LEU B 378 0.41 -3.44 -8.03
CA LEU B 378 -0.22 -4.42 -8.89
C LEU B 378 -1.51 -4.88 -8.24
N ALA B 379 -2.62 -4.81 -8.97
CA ALA B 379 -3.90 -5.20 -8.40
C ALA B 379 -4.84 -5.64 -9.52
N VAL B 380 -5.89 -6.37 -9.13
CA VAL B 380 -6.85 -6.89 -10.10
C VAL B 380 -8.26 -6.53 -9.66
N SER B 381 -9.16 -6.45 -10.64
CA SER B 381 -10.59 -6.62 -10.40
C SER B 381 -10.97 -8.01 -10.88
N CYS B 382 -11.76 -8.70 -10.06
CA CYS B 382 -12.03 -10.11 -10.25
C CYS B 382 -13.33 -10.32 -11.05
N SER B 383 -13.76 -11.58 -11.11
CA SER B 383 -15.02 -11.93 -11.76
C SER B 383 -16.20 -11.19 -11.14
N ALA B 384 -16.15 -10.94 -9.84
CA ALA B 384 -17.15 -10.11 -9.18
C ALA B 384 -16.70 -8.65 -9.29
N ASP B 385 -16.74 -8.15 -10.53
CA ASP B 385 -16.27 -6.82 -10.87
C ASP B 385 -17.40 -5.84 -10.54
N ARG B 386 -17.30 -5.18 -9.37
CA ARG B 386 -18.46 -4.49 -8.79
C ARG B 386 -18.09 -3.05 -8.39
N GLN B 387 -18.38 -2.11 -9.29
CA GLN B 387 -18.28 -0.70 -8.97
C GLN B 387 -19.39 0.05 -9.70
N ILE B 388 -19.79 1.19 -9.13
N ILE B 388 -19.83 1.15 -9.11
CA ILE B 388 -20.87 2.00 -9.67
CA ILE B 388 -20.85 2.00 -9.72
C ILE B 388 -20.54 3.47 -9.45
C ILE B 388 -20.48 3.45 -9.47
N LEU B 389 -20.51 4.25 -10.53
CA LEU B 389 -20.33 5.69 -10.43
C LEU B 389 -21.68 6.34 -10.12
N ALA B 390 -21.63 7.49 -9.45
CA ALA B 390 -22.87 8.21 -9.15
C ALA B 390 -22.56 9.67 -8.90
N HIS B 391 -23.60 10.50 -8.98
CA HIS B 391 -23.42 11.89 -8.58
C HIS B 391 -24.75 12.47 -8.16
N ILE B 392 -24.68 13.47 -7.29
CA ILE B 392 -25.83 14.25 -6.86
C ILE B 392 -25.62 15.67 -7.35
N ASN B 393 -26.61 16.22 -8.03
CA ASN B 393 -26.51 17.59 -8.51
C ASN B 393 -27.88 18.25 -8.35
N LYS B 394 -28.02 19.43 -8.96
CA LYS B 394 -29.26 20.20 -8.93
C LYS B 394 -30.51 19.41 -9.35
N SER B 395 -30.36 18.38 -10.20
CA SER B 395 -31.50 17.65 -10.71
C SER B 395 -31.84 16.41 -9.90
N GLY B 396 -30.97 16.03 -8.96
CA GLY B 396 -31.22 14.89 -8.12
C GLY B 396 -30.08 13.88 -8.07
N ILE B 397 -30.42 12.61 -7.90
CA ILE B 397 -29.46 11.54 -7.70
C ILE B 397 -29.35 10.73 -8.98
N TYR B 398 -28.13 10.60 -9.50
CA TYR B 398 -27.84 9.86 -10.72
C TYR B 398 -26.92 8.71 -10.39
N ILE B 399 -27.25 7.53 -10.94
N ILE B 399 -27.24 7.52 -10.93
CA ILE B 399 -26.52 6.28 -10.66
CA ILE B 399 -26.48 6.31 -10.64
C ILE B 399 -26.16 5.63 -11.99
C ILE B 399 -26.16 5.60 -11.96
N GLU B 400 -24.93 5.12 -12.07
CA GLU B 400 -24.48 4.44 -13.28
C GLU B 400 -25.42 3.29 -13.63
N GLN B 401 -25.77 3.22 -14.91
CA GLN B 401 -26.64 2.15 -15.43
C GLN B 401 -25.78 0.96 -15.81
N LEU B 402 -26.01 -0.17 -15.17
CA LEU B 402 -25.30 -1.40 -15.51
C LEU B 402 -26.14 -2.21 -16.49
N GLU B 403 -25.55 -3.29 -17.00
CA GLU B 403 -26.22 -4.06 -18.05
C GLU B 403 -27.27 -4.99 -17.42
N GLN B 404 -28.54 -4.73 -17.75
CA GLN B 404 -29.65 -5.48 -17.16
C GLN B 404 -29.96 -6.78 -17.88
N ASN B 405 -29.44 -6.98 -19.09
CA ASN B 405 -29.71 -8.18 -19.89
C ASN B 405 -28.39 -8.84 -20.28
N PRO B 406 -27.69 -9.45 -19.31
CA PRO B 406 -26.41 -10.10 -19.66
C PRO B 406 -26.56 -11.27 -20.62
N ALA B 407 -27.77 -11.83 -20.76
CA ALA B 407 -27.94 -13.00 -21.61
C ALA B 407 -27.59 -12.72 -23.06
N GLN B 408 -27.68 -11.46 -23.49
CA GLN B 408 -27.34 -11.11 -24.87
C GLN B 408 -25.87 -11.35 -25.19
N TYR B 409 -25.01 -11.39 -24.17
CA TYR B 409 -23.59 -11.65 -24.38
C TYR B 409 -23.27 -13.13 -24.49
N LEU B 410 -24.27 -14.00 -24.28
CA LEU B 410 -24.05 -15.44 -24.29
C LEU B 410 -24.25 -15.97 -25.71
N PRO B 411 -23.20 -16.47 -26.38
CA PRO B 411 -23.38 -17.08 -27.70
C PRO B 411 -24.14 -18.39 -27.64
N THR B 421 -18.23 -34.36 -20.88
CA THR B 421 -17.01 -35.11 -20.66
C THR B 421 -16.46 -34.85 -19.27
N SER B 422 -17.04 -35.51 -18.26
CA SER B 422 -16.59 -35.36 -16.90
C SER B 422 -16.89 -36.64 -16.13
N VAL B 423 -16.24 -36.79 -14.98
CA VAL B 423 -16.36 -37.99 -14.15
C VAL B 423 -17.36 -37.70 -13.04
N LYS B 424 -18.39 -38.54 -12.94
CA LYS B 424 -19.34 -38.42 -11.83
C LYS B 424 -18.73 -39.03 -10.58
N VAL B 425 -18.70 -38.25 -9.49
CA VAL B 425 -18.10 -38.68 -8.23
C VAL B 425 -19.18 -38.72 -7.17
N ASP B 426 -19.46 -39.92 -6.66
CA ASP B 426 -20.47 -40.15 -5.64
C ASP B 426 -19.81 -40.02 -4.27
N LEU B 427 -20.15 -38.94 -3.55
CA LEU B 427 -19.61 -38.70 -2.22
C LEU B 427 -20.34 -39.48 -1.13
N LYS B 428 -21.46 -40.13 -1.46
CA LYS B 428 -22.24 -40.90 -0.50
C LYS B 428 -21.61 -42.25 -0.17
N ARG B 429 -20.28 -42.32 -0.11
CA ARG B 429 -19.53 -43.53 0.19
C ARG B 429 -18.55 -43.22 1.31
N PRO B 430 -17.91 -44.25 1.87
CA PRO B 430 -16.76 -43.99 2.75
C PRO B 430 -15.73 -43.13 2.02
N ILE B 431 -15.13 -42.18 2.75
CA ILE B 431 -14.20 -41.24 2.12
C ILE B 431 -13.04 -41.99 1.47
N ASP B 432 -12.66 -43.14 2.00
CA ASP B 432 -11.58 -43.89 1.38
C ASP B 432 -11.95 -44.39 0.00
N LYS B 433 -13.22 -44.71 -0.22
CA LYS B 433 -13.67 -45.10 -1.55
C LYS B 433 -13.62 -43.92 -2.51
N VAL B 434 -13.98 -42.72 -2.01
CA VAL B 434 -13.88 -41.54 -2.87
C VAL B 434 -12.43 -41.27 -3.23
N ARG B 435 -11.52 -41.40 -2.26
CA ARG B 435 -10.10 -41.20 -2.55
C ARG B 435 -9.63 -42.20 -3.61
N GLN B 436 -10.05 -43.45 -3.50
CA GLN B 436 -9.65 -44.47 -4.48
C GLN B 436 -10.14 -44.10 -5.88
N GLN B 437 -11.40 -43.65 -6.00
CA GLN B 437 -11.90 -43.25 -7.31
C GLN B 437 -11.09 -42.09 -7.87
N LEU B 438 -10.86 -41.06 -7.06
CA LEU B 438 -10.10 -39.90 -7.53
C LEU B 438 -8.69 -40.27 -7.94
N SER B 439 -8.09 -41.26 -7.26
CA SER B 439 -6.72 -41.66 -7.58
C SER B 439 -6.58 -42.23 -8.99
N GLN B 440 -7.69 -42.61 -9.63
CA GLN B 440 -7.66 -43.18 -10.96
C GLN B 440 -7.46 -42.15 -12.07
N TYR B 441 -7.48 -40.85 -11.74
CA TYR B 441 -7.52 -39.82 -12.76
C TYR B 441 -6.36 -38.84 -12.61
N PRO B 442 -5.89 -38.27 -13.71
CA PRO B 442 -4.84 -37.25 -13.63
C PRO B 442 -5.39 -35.89 -13.25
N VAL B 443 -4.49 -35.01 -12.80
CA VAL B 443 -4.88 -33.63 -12.58
C VAL B 443 -5.37 -33.06 -13.92
N GLY B 444 -6.30 -32.11 -13.83
CA GLY B 444 -6.97 -31.59 -15.00
C GLY B 444 -8.28 -32.28 -15.36
N THR B 445 -8.55 -33.45 -14.78
CA THR B 445 -9.82 -34.13 -15.02
C THR B 445 -10.98 -33.32 -14.45
N ARG B 446 -12.03 -33.11 -15.25
CA ARG B 446 -13.21 -32.41 -14.76
C ARG B 446 -14.08 -33.42 -14.04
N VAL B 447 -14.57 -33.05 -12.87
CA VAL B 447 -15.30 -33.94 -12.00
C VAL B 447 -16.65 -33.30 -11.66
N MET B 448 -17.63 -34.14 -11.34
CA MET B 448 -18.95 -33.68 -10.89
C MET B 448 -19.30 -34.37 -9.58
N LEU B 449 -19.45 -33.57 -8.52
CA LEU B 449 -19.64 -34.09 -7.17
C LEU B 449 -21.12 -34.22 -6.82
N ASN B 450 -21.48 -35.32 -6.16
CA ASN B 450 -22.85 -35.56 -5.73
C ASN B 450 -22.82 -36.11 -4.31
N GLY B 451 -23.36 -35.33 -3.37
CA GLY B 451 -23.41 -35.76 -1.99
C GLY B 451 -23.09 -34.67 -0.97
N THR B 452 -22.56 -35.08 0.18
CA THR B 452 -22.34 -34.19 1.31
C THR B 452 -20.96 -33.53 1.23
N LEU B 453 -20.93 -32.23 1.48
CA LEU B 453 -19.70 -31.50 1.73
C LEU B 453 -19.76 -30.89 3.12
N ILE B 454 -18.63 -30.91 3.81
CA ILE B 454 -18.47 -30.18 5.07
C ILE B 454 -17.76 -28.88 4.76
N VAL B 455 -18.30 -27.76 5.24
CA VAL B 455 -17.85 -26.43 4.85
C VAL B 455 -17.12 -25.78 6.02
N ALA B 456 -15.89 -25.33 5.77
CA ALA B 456 -15.09 -24.71 6.82
C ALA B 456 -14.03 -23.81 6.19
N ARG B 457 -13.84 -22.61 6.75
CA ARG B 457 -12.80 -21.74 6.23
C ARG B 457 -11.86 -21.26 7.33
N ASP B 458 -11.46 -19.98 7.27
CA ASP B 458 -10.28 -19.54 8.01
C ASP B 458 -10.42 -19.75 9.51
N ILE B 459 -11.49 -19.22 10.12
CA ILE B 459 -11.55 -19.22 11.57
C ILE B 459 -11.83 -20.62 12.10
N ALA B 460 -12.68 -21.39 11.40
CA ALA B 460 -12.92 -22.77 11.83
C ALA B 460 -11.64 -23.58 11.81
N HIS B 461 -10.82 -23.43 10.77
CA HIS B 461 -9.55 -24.15 10.71
C HIS B 461 -8.66 -23.76 11.89
N ALA B 462 -8.56 -22.45 12.19
CA ALA B 462 -7.75 -21.99 13.31
C ALA B 462 -8.26 -22.54 14.64
N LYS B 463 -9.58 -22.57 14.81
CA LYS B 463 -10.14 -23.12 16.06
C LYS B 463 -9.83 -24.61 16.17
N ILE B 464 -9.94 -25.33 15.06
CA ILE B 464 -9.71 -26.78 15.09
C ILE B 464 -8.25 -27.08 15.38
N LYS B 465 -7.32 -26.32 14.78
CA LYS B 465 -5.91 -26.50 15.10
C LYS B 465 -5.65 -26.25 16.57
N GLU B 466 -6.28 -25.21 17.13
CA GLU B 466 -6.15 -24.92 18.55
C GLU B 466 -6.67 -26.07 19.41
N MET B 467 -7.80 -26.67 19.04
CA MET B 467 -8.30 -27.83 19.79
C MET B 467 -7.28 -28.96 19.78
N MET B 468 -6.71 -29.26 18.61
CA MET B 468 -5.76 -30.36 18.53
C MET B 468 -4.48 -30.04 19.30
N ASP B 469 -4.04 -28.78 19.28
CA ASP B 469 -2.89 -28.39 20.08
C ASP B 469 -3.13 -28.58 21.57
N ASN B 470 -4.39 -28.59 22.00
CA ASN B 470 -4.75 -28.88 23.38
C ASN B 470 -5.09 -30.35 23.61
N GLY B 471 -4.70 -31.23 22.71
CA GLY B 471 -4.88 -32.66 22.87
C GLY B 471 -6.21 -33.21 22.41
N GLU B 472 -7.12 -32.37 21.98
CA GLU B 472 -8.43 -32.79 21.53
C GLU B 472 -8.35 -33.37 20.13
N PRO B 473 -9.22 -34.32 19.79
CA PRO B 473 -9.13 -34.95 18.47
C PRO B 473 -9.61 -34.02 17.36
N LEU B 474 -9.11 -34.28 16.16
CA LEU B 474 -9.67 -33.69 14.96
C LEU B 474 -11.15 -34.06 14.88
N PRO B 475 -12.06 -33.10 14.77
CA PRO B 475 -13.48 -33.43 14.83
C PRO B 475 -13.90 -34.40 13.74
N GLU B 476 -14.89 -35.23 14.08
CA GLU B 476 -15.38 -36.26 13.18
C GLU B 476 -15.83 -35.68 11.84
N TYR B 477 -16.43 -34.48 11.85
CA TYR B 477 -16.91 -33.91 10.60
C TYR B 477 -15.80 -33.45 9.68
N MET B 478 -14.55 -33.43 10.14
CA MET B 478 -13.42 -33.17 9.26
C MET B 478 -12.92 -34.42 8.58
N LYS B 479 -13.49 -35.58 8.89
CA LYS B 479 -13.02 -36.86 8.38
C LYS B 479 -13.99 -37.58 7.45
N THR B 480 -15.26 -37.20 7.42
CA THR B 480 -16.25 -37.97 6.69
C THR B 480 -16.44 -37.55 5.24
N SER B 481 -16.13 -36.29 4.91
CA SER B 481 -16.52 -35.73 3.63
C SER B 481 -15.42 -34.81 3.12
N PRO B 482 -15.42 -34.50 1.82
CA PRO B 482 -14.53 -33.44 1.33
C PRO B 482 -14.84 -32.14 2.05
N ILE B 483 -13.80 -31.34 2.27
CA ILE B 483 -13.92 -30.05 2.94
C ILE B 483 -14.02 -28.96 1.88
N TYR B 484 -15.14 -28.25 1.89
CA TYR B 484 -15.39 -27.13 0.97
C TYR B 484 -15.06 -25.84 1.71
N TYR B 485 -14.03 -25.12 1.26
CA TYR B 485 -13.71 -23.83 1.87
C TYR B 485 -14.71 -22.81 1.30
N ALA B 486 -15.65 -22.36 2.12
CA ALA B 486 -16.65 -21.43 1.64
C ALA B 486 -17.37 -20.79 2.81
N GLY B 487 -17.98 -19.63 2.54
CA GLY B 487 -18.87 -18.97 3.47
C GLY B 487 -20.06 -18.40 2.74
N PRO B 488 -21.26 -18.88 3.07
CA PRO B 488 -22.44 -18.52 2.28
C PRO B 488 -22.99 -17.14 2.58
N ALA B 489 -23.58 -16.53 1.56
CA ALA B 489 -24.44 -15.38 1.77
C ALA B 489 -25.79 -15.85 2.33
N LYS B 490 -26.62 -14.89 2.71
CA LYS B 490 -27.89 -15.20 3.37
C LYS B 490 -28.83 -15.91 2.40
N THR B 491 -29.66 -16.79 2.97
CA THR B 491 -30.57 -17.58 2.14
C THR B 491 -31.83 -16.79 1.82
N PRO B 492 -32.17 -16.61 0.54
CA PRO B 492 -33.45 -15.97 0.22
C PRO B 492 -34.62 -16.81 0.72
N GLU B 493 -35.71 -16.13 1.05
CA GLU B 493 -36.92 -16.83 1.45
C GLU B 493 -37.34 -17.81 0.36
N GLY B 494 -37.60 -19.05 0.75
CA GLY B 494 -38.02 -20.08 -0.17
C GLY B 494 -36.91 -20.74 -0.97
N TYR B 495 -35.66 -20.34 -0.78
CA TYR B 495 -34.54 -20.94 -1.48
C TYR B 495 -33.82 -21.94 -0.58
N ALA B 496 -33.22 -22.95 -1.21
CA ALA B 496 -32.42 -23.90 -0.46
C ALA B 496 -31.13 -23.28 0.05
N SER B 497 -30.60 -22.27 -0.64
CA SER B 497 -29.30 -21.73 -0.28
C SER B 497 -29.15 -20.33 -0.85
N GLY B 498 -28.43 -19.48 -0.12
CA GLY B 498 -27.91 -18.26 -0.69
C GLY B 498 -26.70 -18.57 -1.55
N SER B 499 -26.19 -17.53 -2.20
CA SER B 499 -24.99 -17.67 -3.01
C SER B 499 -23.87 -18.26 -2.17
N PHE B 500 -23.16 -19.23 -2.75
CA PHE B 500 -22.35 -20.15 -1.96
C PHE B 500 -21.18 -20.71 -2.79
N GLY B 501 -20.37 -19.82 -3.36
CA GLY B 501 -19.20 -20.23 -4.10
C GLY B 501 -17.97 -20.36 -3.23
N PRO B 502 -16.87 -20.84 -3.81
CA PRO B 502 -15.69 -21.22 -3.02
C PRO B 502 -14.84 -20.04 -2.56
N ALA B 503 -14.12 -20.29 -1.47
CA ALA B 503 -13.11 -19.39 -0.92
C ALA B 503 -11.72 -19.76 -1.45
N THR B 504 -10.74 -18.88 -1.19
CA THR B 504 -9.39 -19.06 -1.70
C THR B 504 -8.67 -20.17 -0.93
N ALA B 505 -8.24 -21.21 -1.65
CA ALA B 505 -7.65 -22.39 -1.00
C ALA B 505 -6.36 -22.05 -0.27
N GLY B 506 -5.53 -21.17 -0.84
CA GLY B 506 -4.19 -20.97 -0.31
C GLY B 506 -4.15 -20.51 1.13
N ARG B 507 -5.22 -19.84 1.60
CA ARG B 507 -5.24 -19.35 2.98
C ARG B 507 -5.32 -20.49 3.99
N MET B 508 -5.74 -21.68 3.58
CA MET B 508 -5.82 -22.83 4.45
C MET B 508 -4.63 -23.78 4.31
N ASP B 509 -3.63 -23.41 3.50
CA ASP B 509 -2.51 -24.30 3.19
C ASP B 509 -1.79 -24.78 4.44
N SER B 510 -1.64 -23.92 5.45
CA SER B 510 -0.84 -24.29 6.63
C SER B 510 -1.49 -25.37 7.48
N TYR B 511 -2.75 -25.75 7.21
CA TYR B 511 -3.45 -26.77 7.97
C TYR B 511 -3.51 -28.13 7.30
N VAL B 512 -3.20 -28.22 6.00
CA VAL B 512 -3.51 -29.44 5.27
C VAL B 512 -2.68 -30.61 5.77
N ASP B 513 -1.35 -30.43 5.83
CA ASP B 513 -0.51 -31.54 6.27
C ASP B 513 -0.85 -31.96 7.70
N LEU B 514 -1.02 -30.98 8.60
CA LEU B 514 -1.40 -31.28 9.97
C LEU B 514 -2.69 -32.08 10.04
N PHE B 515 -3.76 -31.60 9.39
CA PHE B 515 -5.04 -32.29 9.47
C PHE B 515 -4.95 -33.68 8.83
N GLN B 516 -4.28 -33.77 7.68
CA GLN B 516 -4.13 -35.07 7.02
C GLN B 516 -3.29 -36.02 7.86
N SER B 517 -2.26 -35.49 8.54
CA SER B 517 -1.47 -36.33 9.44
C SER B 517 -2.31 -36.85 10.60
N HIS B 518 -3.43 -36.21 10.90
CA HIS B 518 -4.35 -36.64 11.94
C HIS B 518 -5.64 -37.23 11.39
N GLY B 519 -5.62 -37.71 10.14
CA GLY B 519 -6.69 -38.52 9.61
C GLY B 519 -7.87 -37.79 8.99
N GLY B 520 -7.72 -36.53 8.60
CA GLY B 520 -8.82 -35.77 8.04
C GLY B 520 -8.37 -34.85 6.92
N SER B 521 -9.34 -34.17 6.32
CA SER B 521 -9.10 -33.20 5.24
C SER B 521 -8.34 -33.84 4.08
N TYR B 522 -8.59 -35.12 3.82
CA TYR B 522 -7.93 -35.79 2.69
C TYR B 522 -8.39 -35.22 1.35
N ILE B 523 -9.62 -34.71 1.26
CA ILE B 523 -10.12 -34.10 0.04
C ILE B 523 -10.59 -32.69 0.39
N THR B 524 -10.01 -31.68 -0.26
CA THR B 524 -10.42 -30.31 -0.09
C THR B 524 -10.98 -29.78 -1.40
N LEU B 525 -11.87 -28.80 -1.30
CA LEU B 525 -12.54 -28.22 -2.46
C LEU B 525 -12.63 -26.71 -2.27
N ALA B 526 -12.02 -25.97 -3.19
CA ALA B 526 -11.98 -24.51 -3.11
C ALA B 526 -11.58 -23.98 -4.48
N LYS B 527 -11.00 -22.77 -4.52
CA LYS B 527 -10.51 -22.21 -5.77
C LYS B 527 -9.12 -21.61 -5.54
N GLY B 528 -8.32 -21.61 -6.59
CA GLY B 528 -7.00 -21.02 -6.53
C GLY B 528 -5.89 -22.07 -6.46
N ASN B 529 -4.72 -21.68 -6.95
CA ASN B 529 -3.54 -22.52 -6.81
C ASN B 529 -3.07 -22.53 -5.36
N ARG B 530 -2.38 -23.61 -4.98
CA ARG B 530 -1.92 -23.79 -3.61
C ARG B 530 -0.41 -23.96 -3.59
N SER B 531 0.16 -23.84 -2.40
CA SER B 531 1.61 -23.90 -2.27
C SER B 531 2.10 -25.35 -2.31
N LYS B 532 3.42 -25.50 -2.46
CA LYS B 532 4.02 -26.82 -2.65
C LYS B 532 3.81 -27.71 -1.44
N GLN B 533 3.72 -27.11 -0.24
CA GLN B 533 3.49 -27.90 0.97
C GLN B 533 2.20 -28.70 0.86
N VAL B 534 1.20 -28.18 0.15
CA VAL B 534 -0.05 -28.92 -0.02
C VAL B 534 0.13 -30.05 -1.02
N THR B 535 0.89 -29.82 -2.09
CA THR B 535 1.21 -30.90 -3.01
C THR B 535 1.95 -32.03 -2.30
N ASP B 536 2.94 -31.67 -1.46
CA ASP B 536 3.70 -32.69 -0.72
C ASP B 536 2.81 -33.44 0.26
N ALA B 537 1.89 -32.73 0.92
CA ALA B 537 1.01 -33.37 1.89
C ALA B 537 0.09 -34.38 1.22
N CYS B 538 -0.55 -33.97 0.11
CA CYS B 538 -1.45 -34.86 -0.61
C CYS B 538 -0.74 -36.11 -1.11
N LYS B 539 0.53 -35.96 -1.52
CA LYS B 539 1.29 -37.13 -1.95
C LYS B 539 1.66 -38.02 -0.78
N LYS B 540 2.07 -37.41 0.33
CA LYS B 540 2.45 -38.17 1.52
C LYS B 540 1.27 -38.91 2.12
N HIS B 541 0.10 -38.27 2.17
CA HIS B 541 -1.06 -38.80 2.89
C HIS B 541 -2.14 -39.35 2.00
N GLY B 542 -1.96 -39.33 0.67
CA GLY B 542 -3.01 -39.80 -0.21
C GLY B 542 -4.21 -38.88 -0.27
N GLY B 543 -3.95 -37.59 -0.48
CA GLY B 543 -4.99 -36.57 -0.51
C GLY B 543 -5.18 -35.97 -1.90
N PHE B 544 -6.17 -35.09 -1.99
CA PHE B 544 -6.54 -34.44 -3.24
C PHE B 544 -7.05 -33.04 -2.95
N TYR B 545 -6.75 -32.12 -3.86
CA TYR B 545 -7.34 -30.79 -3.85
C TYR B 545 -8.15 -30.62 -5.12
N LEU B 546 -9.43 -30.31 -4.97
CA LEU B 546 -10.33 -30.11 -6.09
C LEU B 546 -10.58 -28.62 -6.27
N GLY B 547 -10.43 -28.14 -7.50
CA GLY B 547 -10.67 -26.74 -7.78
C GLY B 547 -12.05 -26.49 -8.34
N SER B 548 -12.91 -25.87 -7.53
CA SER B 548 -14.16 -25.33 -8.04
C SER B 548 -13.88 -24.18 -8.99
N ILE B 549 -14.79 -23.96 -9.94
CA ILE B 549 -14.76 -22.70 -10.65
C ILE B 549 -14.97 -21.57 -9.63
N GLY B 550 -14.18 -20.52 -9.75
CA GLY B 550 -14.27 -19.39 -8.84
C GLY B 550 -15.17 -18.31 -9.39
N GLY B 551 -16.09 -17.84 -8.56
CA GLY B 551 -17.01 -16.80 -8.98
C GLY B 551 -18.49 -17.16 -9.12
N PRO B 552 -18.85 -18.36 -9.65
CA PRO B 552 -20.26 -18.57 -10.03
C PRO B 552 -21.14 -19.00 -8.85
N ALA B 553 -21.21 -18.12 -7.83
CA ALA B 553 -21.85 -18.48 -6.58
C ALA B 553 -23.36 -18.58 -6.69
N ALA B 554 -23.98 -17.79 -7.56
CA ALA B 554 -25.44 -17.79 -7.67
C ALA B 554 -25.94 -19.04 -8.40
N ILE B 555 -25.29 -19.42 -9.51
CA ILE B 555 -25.72 -20.60 -10.24
C ILE B 555 -25.39 -21.87 -9.46
N LEU B 556 -24.28 -21.88 -8.71
CA LEU B 556 -23.99 -23.01 -7.84
C LEU B 556 -25.10 -23.18 -6.81
N ALA B 557 -25.51 -22.07 -6.18
CA ALA B 557 -26.59 -22.14 -5.20
C ALA B 557 -27.90 -22.57 -5.85
N LYS B 558 -28.21 -22.02 -7.03
CA LYS B 558 -29.49 -22.31 -7.67
C LYS B 558 -29.56 -23.76 -8.14
N ASP B 559 -28.49 -24.27 -8.75
CA ASP B 559 -28.55 -25.57 -9.41
C ASP B 559 -27.95 -26.71 -8.61
N SER B 560 -26.95 -26.46 -7.77
CA SER B 560 -26.16 -27.54 -7.16
C SER B 560 -26.43 -27.76 -5.68
N ILE B 561 -26.68 -26.70 -4.91
CA ILE B 561 -26.80 -26.83 -3.46
C ILE B 561 -28.26 -27.08 -3.09
N LYS B 562 -28.52 -28.22 -2.45
CA LYS B 562 -29.88 -28.67 -2.16
C LYS B 562 -30.28 -28.54 -0.70
N GLN B 563 -29.33 -28.55 0.22
CA GLN B 563 -29.62 -28.51 1.65
C GLN B 563 -28.43 -27.84 2.34
N VAL B 564 -28.73 -27.00 3.33
CA VAL B 564 -27.71 -26.29 4.09
C VAL B 564 -28.07 -26.37 5.56
N THR B 565 -27.10 -26.79 6.39
CA THR B 565 -27.28 -26.87 7.83
C THR B 565 -26.03 -26.35 8.52
N CYS B 566 -26.22 -25.60 9.61
CA CYS B 566 -25.10 -25.18 10.42
C CYS B 566 -24.66 -26.34 11.31
N LEU B 567 -23.36 -26.65 11.28
CA LEU B 567 -22.86 -27.81 12.00
C LEU B 567 -22.15 -27.44 13.30
N ALA B 568 -21.33 -26.39 13.29
CA ALA B 568 -20.53 -26.03 14.46
C ALA B 568 -20.18 -24.55 14.38
N PHE B 569 -19.82 -23.99 15.53
CA PHE B 569 -19.41 -22.59 15.65
C PHE B 569 -20.42 -21.62 15.04
N PRO B 570 -21.70 -21.70 15.42
CA PRO B 570 -22.69 -20.79 14.81
C PRO B 570 -22.38 -19.31 15.04
N GLU B 571 -21.70 -18.99 16.13
CA GLU B 571 -21.36 -17.60 16.42
C GLU B 571 -20.45 -16.98 15.37
N LEU B 572 -19.83 -17.78 14.50
CA LEU B 572 -18.96 -17.26 13.47
C LEU B 572 -19.71 -16.74 12.25
N GLY B 573 -21.03 -16.85 12.23
CA GLY B 573 -21.79 -16.32 11.11
C GLY B 573 -21.53 -17.15 9.87
N MET B 574 -21.17 -16.48 8.80
CA MET B 574 -20.83 -17.13 7.58
C MET B 574 -19.65 -18.10 7.71
N GLU B 575 -18.80 -17.88 8.70
CA GLU B 575 -17.61 -18.69 8.91
C GLU B 575 -17.87 -19.90 9.81
N ALA B 576 -19.13 -20.19 10.13
CA ALA B 576 -19.45 -21.41 10.85
C ALA B 576 -19.10 -22.63 10.01
N VAL B 577 -19.02 -23.78 10.66
CA VAL B 577 -18.92 -25.04 9.93
C VAL B 577 -20.30 -25.41 9.43
N TRP B 578 -20.43 -25.68 8.13
CA TRP B 578 -21.70 -26.06 7.55
C TRP B 578 -21.62 -27.48 6.99
N LYS B 579 -22.78 -28.11 6.92
CA LYS B 579 -22.97 -29.37 6.22
C LYS B 579 -23.97 -29.12 5.11
N ILE B 580 -23.56 -29.35 3.86
CA ILE B 580 -24.42 -29.08 2.72
C ILE B 580 -24.53 -30.33 1.87
N GLU B 581 -25.69 -30.49 1.25
CA GLU B 581 -25.94 -31.57 0.30
C GLU B 581 -25.92 -30.99 -1.10
N VAL B 582 -25.08 -31.50 -1.96
CA VAL B 582 -24.96 -30.97 -3.28
C VAL B 582 -25.19 -31.99 -4.38
N GLU B 583 -25.46 -31.51 -5.56
CA GLU B 583 -25.65 -32.33 -6.75
C GLU B 583 -25.01 -31.63 -7.95
N ASP B 584 -24.33 -32.40 -8.80
CA ASP B 584 -23.74 -31.88 -10.04
C ASP B 584 -22.82 -30.70 -9.79
N PHE B 585 -21.95 -30.80 -8.78
CA PHE B 585 -21.03 -29.72 -8.44
C PHE B 585 -19.78 -29.88 -9.28
N PRO B 586 -19.49 -28.96 -10.20
CA PRO B 586 -18.32 -29.12 -11.07
C PRO B 586 -17.03 -28.76 -10.36
N ALA B 587 -15.97 -29.49 -10.67
CA ALA B 587 -14.65 -29.15 -10.17
C ALA B 587 -13.61 -29.83 -11.04
N PHE B 588 -12.37 -29.35 -10.93
CA PHE B 588 -11.20 -29.97 -11.54
C PHE B 588 -10.32 -30.56 -10.46
N ILE B 589 -9.69 -31.69 -10.76
CA ILE B 589 -8.64 -32.22 -9.88
C ILE B 589 -7.39 -31.36 -10.10
N VAL B 590 -7.06 -30.55 -9.10
CA VAL B 590 -5.90 -29.67 -9.22
C VAL B 590 -4.64 -30.31 -8.67
N VAL B 591 -4.72 -30.92 -7.48
CA VAL B 591 -3.61 -31.67 -6.88
C VAL B 591 -4.10 -33.09 -6.66
N ASP B 592 -3.28 -34.08 -7.09
CA ASP B 592 -3.63 -35.47 -6.86
C ASP B 592 -2.81 -36.03 -5.70
N ASP B 593 -2.84 -37.35 -5.55
CA ASP B 593 -2.15 -38.04 -4.48
C ASP B 593 -0.79 -38.56 -4.93
N LYS B 594 -0.22 -37.99 -5.99
CA LYS B 594 1.00 -38.50 -6.60
C LYS B 594 2.04 -37.41 -6.80
N GLY B 595 1.82 -36.21 -6.27
CA GLY B 595 2.76 -35.12 -6.43
C GLY B 595 2.55 -34.22 -7.62
N ASN B 596 1.40 -34.34 -8.31
CA ASN B 596 1.11 -33.55 -9.49
C ASN B 596 0.19 -32.37 -9.15
N ASP B 597 0.33 -31.31 -9.93
CA ASP B 597 -0.39 -30.05 -9.70
C ASP B 597 -0.63 -29.43 -11.06
N MET B 598 -1.91 -29.23 -11.42
CA MET B 598 -2.18 -28.77 -12.78
C MET B 598 -1.74 -27.34 -13.02
N TYR B 599 -1.26 -26.64 -12.00
CA TYR B 599 -0.69 -25.31 -12.13
C TYR B 599 0.84 -25.32 -12.15
N SER B 600 1.47 -26.49 -12.08
CA SER B 600 2.92 -26.54 -11.92
C SER B 600 3.65 -25.94 -13.12
N LYS B 601 3.06 -26.04 -14.31
CA LYS B 601 3.72 -25.51 -15.49
C LYS B 601 3.45 -24.01 -15.67
N THR B 602 2.20 -23.57 -15.48
CA THR B 602 1.87 -22.18 -15.77
C THR B 602 2.20 -21.23 -14.61
N LEU B 603 2.25 -21.73 -13.38
CA LEU B 603 2.51 -20.88 -12.22
C LEU B 603 3.84 -21.21 -11.54
N ALA B 604 4.76 -21.86 -12.25
CA ALA B 604 6.11 -22.10 -11.76
C ALA B 604 6.88 -20.80 -11.60
#